data_8EPH
#
_entry.id   8EPH
#
_cell.length_a   90.247
_cell.length_b   90.247
_cell.length_c   156.347
_cell.angle_alpha   90.000
_cell.angle_beta   90.000
_cell.angle_gamma   90.000
#
_symmetry.space_group_name_H-M   'P 43 21 2'
#
loop_
_entity.id
_entity.type
_entity.pdbx_description
1 polymer 'Coagulation factor IXa light chain'
2 polymer 'Coagulation factor IXa heavy chain'
3 non-polymer alpha-L-fucopyranose
4 non-polymer 'CALCIUM ION'
5 water water
#
loop_
_entity_poly.entity_id
_entity_poly.type
_entity_poly.pdbx_seq_one_letter_code
_entity_poly.pdbx_strand_id
1 'polypeptide(L)'
;DGDQCESNPCLNGGSCKDDINSYECWCPFGFEGKNCELDVTCNIKNGRCEQFCKNSADNKVVCSCTEGYRLAENQKSCEP
AVPFPCGRVSVSQTSKLTRRKR
;
A,C
2 'polypeptide(L)'
;VVGGEDAKPGQFPWQVVLNGKVDAFCGGSIVNEKWIVTAAHCVETGVKITVVAGEHNIEETEHTEQKRNVIRIIPHHNYN
AAINKYNHDIALLELDEPLVLNSYVTPICIADKEYTNIFLKFGSGYVSGWGRVFHKGRSALVLQYLRVPLVDRATCLRST
KFTIYNNMFCAGFHEGGRDSCQGDAGGPHVTEVEGTSFLTGIISWGEECAMKGKYGIYTKVSRYVNWIKEKTKLT
;
B,D
#
loop_
_chem_comp.id
_chem_comp.type
_chem_comp.name
_chem_comp.formula
CA non-polymer 'CALCIUM ION' 'Ca 2'
FUC L-saccharide, alpha linking alpha-L-fucopyranose 'C6 H12 O5'
#
# COMPACT_ATOMS: atom_id res chain seq x y z
N ASP A 1 25.42 14.16 25.29
CA ASP A 1 24.45 15.27 25.00
C ASP A 1 23.51 15.67 26.17
N GLY A 2 23.57 14.90 27.28
CA GLY A 2 22.78 15.17 28.46
C GLY A 2 21.55 14.29 28.58
N ASP A 3 20.99 14.23 29.79
CA ASP A 3 19.84 13.40 30.10
C ASP A 3 18.55 14.19 29.92
N GLN A 4 17.85 13.94 28.81
CA GLN A 4 16.55 14.56 28.53
C GLN A 4 15.44 14.17 29.56
N CYS A 5 15.63 13.07 30.30
CA CYS A 5 14.67 12.64 31.34
C CYS A 5 14.78 13.37 32.68
N GLU A 6 15.82 14.19 32.85
CA GLU A 6 16.03 14.96 34.10
C GLU A 6 14.85 15.86 34.48
N SER A 7 14.13 16.39 33.48
CA SER A 7 13.00 17.29 33.71
C SER A 7 11.64 16.58 33.86
N ASN A 8 11.67 15.24 33.99
CA ASN A 8 10.50 14.38 34.17
C ASN A 8 9.34 14.68 33.24
N PRO A 9 9.55 14.47 31.91
CA PRO A 9 8.56 14.87 30.90
C PRO A 9 7.37 13.90 30.72
N CYS A 10 7.38 12.74 31.36
CA CYS A 10 6.31 11.75 31.21
C CYS A 10 5.22 11.93 32.25
N LEU A 11 3.98 12.07 31.77
CA LEU A 11 2.82 12.16 32.65
C LEU A 11 2.34 10.77 33.03
N ASN A 12 1.43 10.72 34.00
CA ASN A 12 0.66 9.52 34.32
C ASN A 12 1.52 8.30 34.69
N GLY A 13 2.66 8.56 35.35
CA GLY A 13 3.56 7.50 35.79
C GLY A 13 4.35 6.78 34.70
N GLY A 14 4.48 7.43 33.53
CA GLY A 14 5.30 6.91 32.44
C GLY A 14 6.74 6.79 32.90
N SER A 15 7.47 5.83 32.33
CA SER A 15 8.86 5.62 32.64
C SER A 15 9.69 6.24 31.51
N CYS A 16 10.64 7.08 31.89
CA CYS A 16 11.40 7.85 30.95
C CYS A 16 12.73 7.18 30.65
N LYS A 17 12.99 7.00 29.35
CA LYS A 17 14.21 6.44 28.85
C LYS A 17 14.91 7.51 28.00
N ASP A 18 16.16 7.79 28.35
CA ASP A 18 16.98 8.75 27.67
C ASP A 18 17.64 8.14 26.44
N ASP A 19 17.41 8.75 25.27
CA ASP A 19 18.03 8.35 24.01
C ASP A 19 18.99 9.45 23.64
N ILE A 20 19.62 9.34 22.46
CA ILE A 20 20.43 10.43 21.95
C ILE A 20 19.50 11.57 21.53
N ASN A 21 19.60 12.69 22.25
CA ASN A 21 18.91 13.92 21.92
C ASN A 21 17.38 13.83 21.93
N SER A 22 16.84 12.85 22.67
CA SER A 22 15.40 12.66 22.82
C SER A 22 15.15 11.75 24.02
N TYR A 23 13.87 11.57 24.37
CA TYR A 23 13.44 10.61 25.41
C TYR A 23 12.26 9.82 24.87
N GLU A 24 12.00 8.65 25.46
CA GLU A 24 10.81 7.87 25.25
C GLU A 24 10.12 7.82 26.58
N CYS A 25 8.78 7.85 26.55
CA CYS A 25 7.96 7.60 27.71
C CYS A 25 7.29 6.28 27.46
N TRP A 26 7.58 5.29 28.31
CA TRP A 26 6.90 4.02 28.25
C TRP A 26 5.76 4.11 29.25
N CYS A 27 4.53 4.06 28.72
CA CYS A 27 3.37 4.37 29.53
C CYS A 27 2.86 3.14 30.27
N PRO A 28 2.35 3.32 31.51
CA PRO A 28 1.63 2.24 32.16
C PRO A 28 0.36 1.91 31.38
N PHE A 29 -0.21 0.73 31.67
CA PHE A 29 -1.43 0.32 31.05
C PHE A 29 -2.49 1.42 31.11
N GLY A 30 -3.11 1.69 29.96
CA GLY A 30 -4.22 2.64 29.86
C GLY A 30 -3.86 4.03 29.34
N PHE A 31 -2.56 4.31 29.17
CA PHE A 31 -2.10 5.59 28.73
C PHE A 31 -1.23 5.46 27.51
N GLU A 32 -1.22 6.51 26.70
CA GLU A 32 -0.41 6.54 25.50
C GLU A 32 -0.11 7.97 25.08
N GLY A 33 0.53 8.12 23.91
CA GLY A 33 1.07 9.39 23.47
C GLY A 33 2.52 9.54 23.87
N LYS A 34 3.20 10.51 23.26
CA LYS A 34 4.63 10.72 23.48
C LYS A 34 4.96 11.04 24.92
N ASN A 35 4.00 11.60 25.65
CA ASN A 35 4.18 11.94 27.07
C ASN A 35 3.25 11.22 28.02
N CYS A 36 2.63 10.12 27.53
CA CYS A 36 1.60 9.39 28.25
C CYS A 36 0.42 10.28 28.63
N GLU A 37 0.16 11.28 27.79
CA GLU A 37 -0.85 12.29 28.05
C GLU A 37 -2.26 11.84 27.70
N LEU A 38 -2.38 10.83 26.84
CA LEU A 38 -3.68 10.36 26.36
C LEU A 38 -4.16 9.17 27.14
N ASP A 39 -5.48 9.08 27.31
CA ASP A 39 -6.11 7.84 27.73
C ASP A 39 -6.32 6.99 26.49
N VAL A 40 -6.01 5.70 26.60
CA VAL A 40 -6.26 4.77 25.51
C VAL A 40 -7.78 4.76 25.35
N THR A 41 -8.24 4.84 24.10
CA THR A 41 -9.65 4.94 23.78
C THR A 41 -9.93 4.24 22.42
N CYS A 42 -11.15 3.74 22.23
CA CYS A 42 -11.47 2.95 21.03
C CYS A 42 -11.28 3.71 19.70
N ASN A 43 -11.41 5.03 19.72
CA ASN A 43 -11.25 5.89 18.52
C ASN A 43 -9.82 6.29 18.15
N ILE A 44 -8.84 5.87 18.94
CA ILE A 44 -7.44 6.04 18.60
C ILE A 44 -6.86 4.64 18.46
N LYS A 45 -6.56 4.27 17.22
CA LYS A 45 -5.96 2.99 16.88
C LYS A 45 -6.75 1.80 17.50
N ASN A 46 -8.08 1.88 17.47
CA ASN A 46 -8.96 0.81 17.93
C ASN A 46 -8.68 0.41 19.40
N GLY A 47 -8.25 1.36 20.21
CA GLY A 47 -7.90 1.11 21.61
C GLY A 47 -6.76 0.12 21.79
N ARG A 48 -5.95 -0.02 20.72
CA ARG A 48 -4.86 -1.02 20.57
C ARG A 48 -5.40 -2.45 20.63
N CYS A 49 -6.71 -2.64 20.52
CA CYS A 49 -7.27 -3.98 20.45
C CYS A 49 -7.00 -4.59 19.06
N GLU A 50 -6.54 -5.85 19.05
CA GLU A 50 -6.25 -6.54 17.78
C GLU A 50 -7.51 -6.78 16.96
N GLN A 51 -8.62 -7.10 17.63
CA GLN A 51 -9.89 -7.27 16.95
C GLN A 51 -10.89 -6.20 17.36
N PHE A 52 -11.59 -6.38 18.48
CA PHE A 52 -12.72 -5.53 18.83
C PHE A 52 -12.50 -4.74 20.12
N CYS A 53 -12.93 -3.47 20.08
CA CYS A 53 -12.83 -2.55 21.21
C CYS A 53 -14.21 -2.10 21.61
N LYS A 54 -14.45 -2.00 22.93
CA LYS A 54 -15.63 -1.37 23.49
C LYS A 54 -15.21 -0.53 24.69
N ASN A 55 -16.01 0.51 24.97
CA ASN A 55 -15.95 1.24 26.21
C ASN A 55 -16.68 0.43 27.29
N SER A 56 -16.00 0.23 28.44
CA SER A 56 -16.63 -0.43 29.59
C SER A 56 -17.20 0.61 30.55
N ALA A 57 -18.09 0.16 31.45
CA ALA A 57 -18.42 0.94 32.65
C ALA A 57 -17.09 1.25 33.36
N ASP A 58 -16.94 2.48 33.85
CA ASP A 58 -15.66 3.03 34.32
C ASP A 58 -14.83 3.57 33.16
N ASN A 59 -15.41 3.61 31.96
CA ASN A 59 -14.87 4.39 30.83
C ASN A 59 -13.42 4.05 30.47
N LYS A 60 -13.08 2.76 30.60
CA LYS A 60 -11.83 2.17 30.16
C LYS A 60 -12.16 1.28 28.95
N VAL A 61 -11.19 1.12 28.04
CA VAL A 61 -11.41 0.21 26.95
C VAL A 61 -11.41 -1.26 27.43
N VAL A 62 -12.20 -2.08 26.76
CA VAL A 62 -12.12 -3.52 26.87
C VAL A 62 -12.04 -4.09 25.47
N CYS A 63 -11.04 -4.95 25.26
CA CYS A 63 -10.81 -5.58 23.98
C CYS A 63 -11.48 -6.94 24.03
N SER A 64 -11.88 -7.44 22.85
CA SER A 64 -12.46 -8.76 22.75
C SER A 64 -12.10 -9.37 21.39
N CYS A 65 -12.46 -10.65 21.24
CA CYS A 65 -12.04 -11.45 20.11
C CYS A 65 -13.24 -12.23 19.61
N THR A 66 -13.17 -12.66 18.35
CA THR A 66 -14.20 -13.50 17.79
C THR A 66 -14.06 -14.95 18.30
N GLU A 67 -15.08 -15.76 18.05
CA GLU A 67 -15.10 -17.16 18.44
C GLU A 67 -13.86 -17.88 17.95
N GLY A 68 -13.29 -18.75 18.78
CA GLY A 68 -12.09 -19.50 18.44
C GLY A 68 -10.77 -18.82 18.81
N TYR A 69 -10.87 -17.59 19.33
CA TYR A 69 -9.73 -16.79 19.85
C TYR A 69 -9.96 -16.47 21.32
N ARG A 70 -8.89 -16.27 22.09
CA ARG A 70 -8.99 -15.78 23.49
C ARG A 70 -8.14 -14.51 23.60
N LEU A 71 -8.59 -13.56 24.41
CA LEU A 71 -7.81 -12.37 24.70
C LEU A 71 -6.51 -12.78 25.37
N ALA A 72 -5.39 -12.28 24.87
CA ALA A 72 -4.08 -12.61 25.39
C ALA A 72 -3.92 -11.94 26.77
N GLU A 73 -2.84 -12.32 27.46
CA GLU A 73 -2.50 -11.76 28.77
C GLU A 73 -2.30 -10.23 28.68
N ASN A 74 -1.81 -9.74 27.54
CA ASN A 74 -1.65 -8.29 27.34
C ASN A 74 -2.97 -7.49 27.25
N GLN A 75 -4.10 -8.21 27.27
CA GLN A 75 -5.47 -7.67 27.22
CA GLN A 75 -5.46 -7.66 27.23
C GLN A 75 -5.80 -6.94 25.90
N LYS A 76 -4.96 -7.14 24.87
CA LYS A 76 -5.13 -6.52 23.56
C LYS A 76 -5.18 -7.49 22.38
N SER A 77 -4.27 -8.47 22.38
CA SER A 77 -4.12 -9.42 21.28
C SER A 77 -5.14 -10.56 21.36
N CYS A 78 -5.44 -11.14 20.20
CA CYS A 78 -6.36 -12.26 20.08
C CYS A 78 -5.53 -13.44 19.60
N GLU A 79 -5.48 -14.50 20.41
CA GLU A 79 -4.66 -15.65 20.13
C GLU A 79 -5.57 -16.87 19.94
N PRO A 80 -5.19 -17.83 19.06
CA PRO A 80 -6.01 -19.02 18.83
C PRO A 80 -6.32 -19.80 20.11
N ALA A 81 -7.60 -20.15 20.31
CA ALA A 81 -8.05 -21.01 21.40
C ALA A 81 -8.46 -22.40 20.91
N VAL A 82 -8.37 -22.62 19.60
CA VAL A 82 -8.74 -23.91 18.98
C VAL A 82 -7.69 -24.19 17.91
N PRO A 83 -7.56 -25.46 17.45
CA PRO A 83 -6.56 -25.79 16.44
C PRO A 83 -6.69 -25.06 15.09
N PHE A 84 -7.93 -24.82 14.62
CA PHE A 84 -8.18 -24.19 13.31
C PHE A 84 -9.11 -23.01 13.48
N PRO A 85 -8.58 -21.89 14.00
CA PRO A 85 -9.39 -20.69 14.21
C PRO A 85 -9.85 -20.10 12.88
N CYS A 86 -11.02 -19.46 12.88
CA CYS A 86 -11.59 -18.85 11.69
C CYS A 86 -10.64 -17.86 11.03
N GLY A 87 -10.71 -17.81 9.70
CA GLY A 87 -10.13 -16.71 8.95
C GLY A 87 -8.61 -16.71 8.76
N ARG A 88 -7.94 -17.80 9.15
CA ARG A 88 -6.48 -17.94 9.04
C ARG A 88 -6.13 -19.01 8.01
N VAL A 89 -5.16 -18.71 7.15
CA VAL A 89 -4.57 -19.64 6.22
C VAL A 89 -3.43 -20.35 6.95
N SER A 90 -3.33 -21.68 6.79
CA SER A 90 -2.38 -22.46 7.59
C SER A 90 -1.59 -23.54 6.86
N VAL A 91 -1.76 -23.65 5.53
CA VAL A 91 -1.23 -24.79 4.77
C VAL A 91 0.25 -25.09 5.00
N VAL B 1 -15.73 -16.71 -11.76
CA VAL B 1 -15.01 -15.40 -11.65
C VAL B 1 -14.29 -15.10 -12.96
N VAL B 2 -14.57 -13.93 -13.52
CA VAL B 2 -13.88 -13.45 -14.71
C VAL B 2 -12.81 -12.45 -14.27
N GLY B 3 -11.60 -12.59 -14.82
CA GLY B 3 -10.51 -11.66 -14.61
C GLY B 3 -9.71 -11.88 -13.35
N GLY B 4 -9.90 -13.04 -12.71
CA GLY B 4 -9.17 -13.44 -11.53
C GLY B 4 -8.05 -14.41 -11.86
N GLU B 5 -7.68 -15.22 -10.87
CA GLU B 5 -6.60 -16.19 -11.03
C GLU B 5 -6.86 -17.42 -10.18
N ASP B 6 -6.06 -18.48 -10.42
CA ASP B 6 -6.17 -19.72 -9.66
C ASP B 6 -5.79 -19.52 -8.20
N ALA B 7 -6.67 -19.97 -7.30
CA ALA B 7 -6.33 -20.07 -5.91
C ALA B 7 -5.28 -21.18 -5.77
N LYS B 8 -4.46 -21.10 -4.74
CA LYS B 8 -3.59 -22.19 -4.36
C LYS B 8 -4.37 -23.08 -3.40
N PRO B 9 -4.04 -24.38 -3.27
CA PRO B 9 -4.70 -25.24 -2.27
C PRO B 9 -4.65 -24.62 -0.87
N GLY B 10 -5.78 -24.61 -0.18
CA GLY B 10 -5.86 -24.07 1.16
C GLY B 10 -5.82 -22.56 1.33
N GLN B 11 -5.82 -21.82 0.22
CA GLN B 11 -5.78 -20.37 0.24
C GLN B 11 -7.09 -19.77 0.72
N PHE B 12 -8.21 -20.40 0.37
CA PHE B 12 -9.55 -19.99 0.77
C PHE B 12 -10.29 -21.14 1.44
N PRO B 13 -9.82 -21.57 2.63
CA PRO B 13 -10.30 -22.81 3.24
C PRO B 13 -11.74 -22.75 3.75
N TRP B 14 -12.35 -21.56 3.76
CA TRP B 14 -13.77 -21.36 4.10
C TRP B 14 -14.70 -21.55 2.91
N GLN B 15 -14.13 -21.62 1.69
CA GLN B 15 -14.93 -21.70 0.48
C GLN B 15 -15.51 -23.11 0.36
N VAL B 16 -16.80 -23.20 0.04
CA VAL B 16 -17.40 -24.47 -0.39
C VAL B 16 -18.04 -24.28 -1.77
N VAL B 17 -18.27 -25.42 -2.45
CA VAL B 17 -19.02 -25.44 -3.69
C VAL B 17 -20.34 -26.16 -3.40
N LEU B 18 -21.42 -25.69 -4.04
CA LEU B 18 -22.73 -26.36 -4.01
C LEU B 18 -23.01 -27.06 -5.34
N ASN B 19 -23.36 -28.35 -5.24
CA ASN B 19 -23.60 -29.22 -6.38
C ASN B 19 -25.05 -29.70 -6.33
N GLY B 20 -25.70 -29.71 -7.51
CA GLY B 20 -27.06 -30.24 -7.66
C GLY B 20 -27.14 -31.11 -8.92
N LYS B 21 -28.20 -30.92 -9.71
CA LYS B 21 -28.30 -31.61 -11.01
C LYS B 21 -27.10 -31.24 -11.84
N VAL B 22 -26.67 -29.99 -11.73
CA VAL B 22 -25.40 -29.52 -12.29
C VAL B 22 -24.43 -29.16 -11.15
N ASP B 23 -23.15 -29.50 -11.35
CA ASP B 23 -22.12 -29.20 -10.37
C ASP B 23 -21.81 -27.71 -10.37
N ALA B 24 -21.42 -27.20 -9.20
CA ALA B 24 -20.94 -25.83 -9.03
C ALA B 24 -21.91 -24.77 -9.54
N PHE B 25 -23.17 -24.89 -9.10
CA PHE B 25 -24.20 -23.94 -9.48
C PHE B 25 -24.17 -22.70 -8.57
N CYS B 26 -23.51 -22.85 -7.41
CA CYS B 26 -23.36 -21.77 -6.44
C CYS B 26 -22.20 -22.12 -5.50
N GLY B 27 -21.78 -21.13 -4.73
CA GLY B 27 -20.81 -21.30 -3.68
C GLY B 27 -21.44 -21.06 -2.32
N GLY B 28 -20.57 -21.07 -1.30
CA GLY B 28 -20.93 -20.77 0.06
C GLY B 28 -19.67 -20.64 0.89
N SER B 29 -19.86 -20.31 2.18
CA SER B 29 -18.78 -20.17 3.12
C SER B 29 -19.05 -20.95 4.38
N ILE B 30 -17.98 -21.49 4.97
CA ILE B 30 -18.09 -22.24 6.20
C ILE B 30 -18.26 -21.28 7.36
N VAL B 31 -19.41 -21.37 8.05
CA VAL B 31 -19.64 -20.63 9.30
C VAL B 31 -19.01 -21.40 10.46
N ASN B 32 -19.30 -22.70 10.54
CA ASN B 32 -18.65 -23.61 11.49
C ASN B 32 -18.77 -25.04 10.97
N GLU B 33 -18.40 -26.02 11.80
CA GLU B 33 -18.39 -27.43 11.42
C GLU B 33 -19.73 -27.94 10.85
N LYS B 34 -20.84 -27.32 11.28
CA LYS B 34 -22.18 -27.77 10.91
C LYS B 34 -22.95 -26.87 9.97
N TRP B 35 -22.42 -25.67 9.68
CA TRP B 35 -23.20 -24.66 8.98
C TRP B 35 -22.47 -23.92 7.85
N ILE B 36 -23.18 -23.72 6.75
CA ILE B 36 -22.73 -22.96 5.57
C ILE B 36 -23.66 -21.78 5.38
N VAL B 37 -23.08 -20.62 4.99
CA VAL B 37 -23.88 -19.47 4.59
C VAL B 37 -23.73 -19.30 3.09
N THR B 38 -24.84 -19.02 2.42
CA THR B 38 -24.91 -18.91 0.96
C THR B 38 -25.97 -17.87 0.63
N ALA B 39 -26.30 -17.75 -0.66
CA ALA B 39 -27.37 -16.86 -1.12
C ALA B 39 -28.71 -17.62 -1.15
N ALA B 40 -29.78 -16.95 -0.71
CA ALA B 40 -31.13 -17.52 -0.75
C ALA B 40 -31.57 -17.96 -2.15
N HIS B 41 -31.16 -17.23 -3.19
CA HIS B 41 -31.57 -17.54 -4.55
C HIS B 41 -30.96 -18.85 -5.06
N CYS B 42 -29.96 -19.37 -4.34
CA CYS B 42 -29.34 -20.65 -4.64
C CYS B 42 -30.12 -21.87 -4.12
N VAL B 43 -31.11 -21.66 -3.24
CA VAL B 43 -31.66 -22.79 -2.46
C VAL B 43 -33.18 -22.94 -2.51
N GLU B 44 -33.69 -23.12 -3.73
CA GLU B 44 -35.11 -23.34 -4.03
C GLU B 44 -35.77 -24.62 -3.46
N THR B 45 -37.07 -24.49 -3.15
CA THR B 45 -37.85 -25.57 -2.58
C THR B 45 -37.83 -26.77 -3.52
N GLY B 46 -37.57 -27.96 -2.95
CA GLY B 46 -37.59 -29.22 -3.68
C GLY B 46 -36.26 -29.73 -4.19
N VAL B 47 -35.26 -28.86 -4.28
CA VAL B 47 -34.00 -29.23 -4.92
C VAL B 47 -33.00 -29.66 -3.87
N LYS B 48 -32.25 -30.72 -4.14
CA LYS B 48 -31.20 -31.17 -3.26
C LYS B 48 -29.89 -30.42 -3.53
N ILE B 49 -29.19 -30.14 -2.45
CA ILE B 49 -27.91 -29.47 -2.45
C ILE B 49 -26.92 -30.39 -1.77
N THR B 50 -25.78 -30.63 -2.42
CA THR B 50 -24.63 -31.27 -1.80
C THR B 50 -23.53 -30.21 -1.66
N VAL B 51 -22.88 -30.19 -0.49
CA VAL B 51 -21.83 -29.23 -0.18
C VAL B 51 -20.51 -29.96 -0.25
N VAL B 52 -19.50 -29.38 -0.91
CA VAL B 52 -18.14 -29.89 -0.83
C VAL B 52 -17.15 -28.81 -0.32
N ALA B 53 -16.51 -29.11 0.81
CA ALA B 53 -15.44 -28.30 1.39
C ALA B 53 -14.11 -28.90 1.02
N GLY B 54 -13.04 -28.12 1.19
CA GLY B 54 -11.72 -28.61 0.90
C GLY B 54 -11.53 -28.85 -0.59
N GLU B 55 -12.37 -28.21 -1.42
CA GLU B 55 -12.30 -28.38 -2.87
C GLU B 55 -11.31 -27.36 -3.47
N HIS B 56 -10.63 -27.80 -4.54
CA HIS B 56 -9.68 -26.99 -5.29
C HIS B 56 -9.96 -27.12 -6.80
N ASN B 57 -9.69 -28.31 -7.36
CA ASN B 57 -9.99 -28.63 -8.76
C ASN B 57 -11.18 -29.58 -8.75
N ILE B 58 -12.30 -29.14 -9.35
CA ILE B 58 -13.57 -29.89 -9.25
C ILE B 58 -13.62 -31.17 -10.07
N GLU B 59 -12.60 -31.42 -10.90
CA GLU B 59 -12.53 -32.61 -11.74
C GLU B 59 -11.38 -33.55 -11.38
N GLU B 60 -10.64 -33.23 -10.31
CA GLU B 60 -9.59 -34.10 -9.81
C GLU B 60 -9.79 -34.38 -8.33
N THR B 61 -9.19 -35.47 -7.84
CA THR B 61 -9.33 -35.89 -6.45
C THR B 61 -8.05 -35.54 -5.72
N GLU B 62 -8.16 -34.58 -4.82
CA GLU B 62 -7.01 -34.02 -4.10
C GLU B 62 -6.82 -34.62 -2.73
N HIS B 63 -7.81 -35.41 -2.27
CA HIS B 63 -7.81 -36.01 -0.94
C HIS B 63 -7.93 -35.00 0.19
N THR B 64 -8.41 -33.80 -0.13
CA THR B 64 -8.74 -32.79 0.86
C THR B 64 -10.25 -32.56 0.94
N GLU B 65 -11.01 -33.14 0.01
CA GLU B 65 -12.42 -32.84 -0.14
C GLU B 65 -13.24 -33.47 0.98
N GLN B 66 -14.23 -32.75 1.48
CA GLN B 66 -15.23 -33.29 2.40
C GLN B 66 -16.62 -32.99 1.86
N LYS B 67 -17.34 -34.04 1.45
CA LYS B 67 -18.68 -33.91 0.88
C LYS B 67 -19.70 -34.13 1.99
N ARG B 68 -20.74 -33.31 2.01
CA ARG B 68 -21.80 -33.35 3.05
C ARG B 68 -23.17 -33.08 2.42
N ASN B 69 -24.21 -33.68 2.99
CA ASN B 69 -25.57 -33.41 2.61
C ASN B 69 -26.09 -32.31 3.49
N VAL B 70 -27.15 -31.65 3.02
CA VAL B 70 -27.78 -30.56 3.72
C VAL B 70 -29.06 -31.10 4.31
N ILE B 71 -29.25 -30.92 5.62
CA ILE B 71 -30.42 -31.42 6.35
C ILE B 71 -31.41 -30.36 6.79
N ARG B 72 -31.09 -29.08 6.57
CA ARG B 72 -31.93 -27.94 7.03
C ARG B 72 -31.53 -26.70 6.24
N ILE B 73 -32.52 -25.97 5.71
CA ILE B 73 -32.28 -24.78 4.93
C ILE B 73 -33.08 -23.67 5.54
N ILE B 74 -32.38 -22.58 5.91
CA ILE B 74 -33.01 -21.42 6.51
C ILE B 74 -32.76 -20.20 5.63
N PRO B 75 -33.65 -19.92 4.66
CA PRO B 75 -33.61 -18.65 3.94
C PRO B 75 -33.96 -17.52 4.92
N HIS B 76 -33.41 -16.32 4.73
CA HIS B 76 -33.76 -15.20 5.58
C HIS B 76 -35.27 -14.98 5.44
N HIS B 77 -35.92 -14.67 6.56
CA HIS B 77 -37.39 -14.61 6.60
C HIS B 77 -37.98 -13.50 5.71
N ASN B 78 -37.20 -12.46 5.43
CA ASN B 78 -37.60 -11.41 4.50
C ASN B 78 -37.39 -11.72 3.04
N TYR B 79 -36.74 -12.85 2.72
CA TYR B 79 -36.47 -13.24 1.31
C TYR B 79 -37.78 -13.59 0.61
N ASN B 80 -38.05 -12.94 -0.53
CA ASN B 80 -39.16 -13.23 -1.42
C ASN B 80 -38.74 -12.95 -2.86
N ALA B 81 -38.48 -14.03 -3.60
CA ALA B 81 -38.05 -13.94 -5.00
C ALA B 81 -39.06 -13.25 -5.93
N ALA B 82 -40.36 -13.34 -5.59
CA ALA B 82 -41.45 -12.71 -6.36
C ALA B 82 -41.36 -11.16 -6.40
N ILE B 83 -40.82 -10.56 -5.34
CA ILE B 83 -40.62 -9.11 -5.24
C ILE B 83 -39.25 -8.65 -5.77
N ASN B 84 -38.19 -9.36 -5.36
CA ASN B 84 -36.82 -9.05 -5.75
C ASN B 84 -35.94 -10.29 -5.50
N LYS B 85 -35.32 -10.79 -6.57
CA LYS B 85 -34.57 -12.04 -6.52
C LYS B 85 -33.33 -11.94 -5.64
N TYR B 86 -32.77 -10.71 -5.54
CA TYR B 86 -31.45 -10.44 -4.91
C TYR B 86 -31.56 -9.62 -3.62
N ASN B 87 -32.76 -9.32 -3.13
CA ASN B 87 -32.89 -8.64 -1.84
C ASN B 87 -33.07 -9.64 -0.72
N HIS B 88 -32.42 -9.38 0.41
CA HIS B 88 -32.35 -10.30 1.53
C HIS B 88 -31.81 -11.65 1.09
N ASP B 89 -30.84 -11.62 0.18
CA ASP B 89 -30.36 -12.80 -0.52
C ASP B 89 -29.32 -13.55 0.30
N ILE B 90 -29.78 -14.23 1.35
CA ILE B 90 -28.90 -14.94 2.25
C ILE B 90 -29.65 -16.10 2.88
N ALA B 91 -28.96 -17.23 3.05
CA ALA B 91 -29.54 -18.46 3.61
C ALA B 91 -28.47 -19.26 4.32
N LEU B 92 -28.88 -20.06 5.30
CA LEU B 92 -28.02 -20.96 6.04
C LEU B 92 -28.37 -22.42 5.74
N LEU B 93 -27.33 -23.24 5.57
CA LEU B 93 -27.45 -24.67 5.33
C LEU B 93 -26.80 -25.44 6.46
N GLU B 94 -27.57 -26.35 7.07
CA GLU B 94 -27.04 -27.25 8.09
C GLU B 94 -26.59 -28.54 7.45
N LEU B 95 -25.38 -28.99 7.82
CA LEU B 95 -24.78 -30.17 7.26
C LEU B 95 -25.18 -31.42 8.07
N ASP B 96 -25.25 -32.56 7.38
CA ASP B 96 -25.66 -33.82 8.01
C ASP B 96 -24.64 -34.30 9.03
N GLU B 97 -23.35 -34.34 8.65
CA GLU B 97 -22.28 -34.70 9.56
C GLU B 97 -21.33 -33.51 9.63
N PRO B 98 -20.73 -33.22 10.80
CA PRO B 98 -19.82 -32.09 10.89
C PRO B 98 -18.62 -32.25 9.96
N LEU B 99 -18.14 -31.12 9.42
CA LEU B 99 -16.87 -31.08 8.72
C LEU B 99 -15.79 -31.32 9.75
N VAL B 100 -14.67 -31.87 9.30
CA VAL B 100 -13.49 -32.04 10.12
C VAL B 100 -12.58 -30.87 9.76
N LEU B 101 -12.45 -29.92 10.69
CA LEU B 101 -11.67 -28.72 10.40
C LEU B 101 -10.20 -29.09 10.25
N ASN B 102 -9.55 -28.46 9.27
CA ASN B 102 -8.13 -28.62 9.02
C ASN B 102 -7.67 -27.45 8.14
N SER B 103 -6.46 -27.55 7.58
CA SER B 103 -5.87 -26.46 6.83
C SER B 103 -6.62 -26.16 5.56
N TYR B 104 -7.42 -27.13 5.10
CA TYR B 104 -8.18 -27.04 3.83
C TYR B 104 -9.64 -26.70 4.10
N VAL B 105 -10.07 -26.81 5.37
CA VAL B 105 -11.45 -26.71 5.75
C VAL B 105 -11.48 -25.92 7.05
N THR B 106 -11.71 -24.61 6.93
CA THR B 106 -11.58 -23.68 8.04
C THR B 106 -12.69 -22.64 7.94
N PRO B 107 -13.39 -22.29 9.03
CA PRO B 107 -14.46 -21.30 8.96
C PRO B 107 -13.93 -19.88 8.61
N ILE B 108 -14.80 -19.06 8.01
CA ILE B 108 -14.57 -17.62 7.90
C ILE B 108 -15.02 -16.94 9.20
N CYS B 109 -14.28 -15.92 9.66
CA CYS B 109 -14.73 -15.13 10.82
C CYS B 109 -15.87 -14.24 10.44
N ILE B 110 -16.79 -14.04 11.39
CA ILE B 110 -17.92 -13.15 11.21
C ILE B 110 -17.92 -12.24 12.42
N ALA B 111 -17.63 -10.96 12.17
CA ALA B 111 -17.54 -9.95 13.21
C ALA B 111 -18.95 -9.47 13.50
N ASP B 112 -19.09 -8.61 14.53
CA ASP B 112 -20.38 -8.01 14.82
C ASP B 112 -20.74 -7.01 13.70
N LYS B 113 -21.95 -6.43 13.78
CA LYS B 113 -22.47 -5.54 12.74
C LYS B 113 -21.53 -4.34 12.51
N GLU B 114 -21.13 -3.69 13.60
CA GLU B 114 -20.28 -2.50 13.54
C GLU B 114 -18.96 -2.77 12.81
N TYR B 115 -18.24 -3.82 13.24
CA TYR B 115 -16.90 -4.15 12.70
C TYR B 115 -17.02 -4.74 11.29
N THR B 116 -18.09 -5.50 10.99
CA THR B 116 -18.26 -6.00 9.63
C THR B 116 -18.32 -4.84 8.65
N ASN B 117 -19.08 -3.81 9.04
CA ASN B 117 -19.19 -2.62 8.23
C ASN B 117 -17.89 -1.82 8.13
N ILE B 118 -17.16 -1.68 9.24
CA ILE B 118 -15.85 -1.04 9.22
C ILE B 118 -14.95 -1.76 8.23
N PHE B 119 -14.91 -3.09 8.32
CA PHE B 119 -14.06 -3.90 7.43
C PHE B 119 -14.45 -3.75 5.96
N LEU B 120 -15.76 -3.77 5.67
CA LEU B 120 -16.24 -3.51 4.31
C LEU B 120 -15.70 -2.18 3.77
N LYS B 121 -15.76 -1.15 4.61
CA LYS B 121 -15.40 0.21 4.22
C LYS B 121 -13.87 0.41 4.04
N PHE B 122 -13.08 -0.57 4.48
CA PHE B 122 -11.65 -0.57 4.14
C PHE B 122 -11.44 -0.57 2.62
N GLY B 123 -12.40 -1.15 1.89
CA GLY B 123 -12.59 -0.86 0.48
C GLY B 123 -12.05 -1.84 -0.54
N SER B 124 -11.57 -2.98 -0.07
CA SER B 124 -11.11 -4.03 -0.98
C SER B 124 -11.38 -5.40 -0.37
N GLY B 125 -12.09 -6.25 -1.12
CA GLY B 125 -12.41 -7.59 -0.67
C GLY B 125 -11.97 -8.63 -1.67
N TYR B 126 -11.88 -9.87 -1.20
CA TYR B 126 -11.61 -11.05 -2.06
C TYR B 126 -12.94 -11.74 -2.37
N VAL B 127 -13.17 -12.03 -3.64
CA VAL B 127 -14.27 -12.89 -4.03
C VAL B 127 -13.69 -14.11 -4.71
N SER B 128 -14.38 -15.23 -4.56
CA SER B 128 -13.86 -16.51 -5.01
C SER B 128 -15.01 -17.43 -5.39
N GLY B 129 -14.69 -18.39 -6.28
CA GLY B 129 -15.64 -19.39 -6.72
C GLY B 129 -15.26 -20.14 -7.98
N TRP B 130 -16.11 -21.11 -8.33
CA TRP B 130 -15.99 -21.96 -9.51
C TRP B 130 -16.93 -21.56 -10.62
N GLY B 131 -17.37 -20.30 -10.58
CA GLY B 131 -18.25 -19.74 -11.59
C GLY B 131 -17.57 -19.70 -12.92
N ARG B 132 -18.33 -19.29 -13.95
CA ARG B 132 -17.84 -19.17 -15.35
C ARG B 132 -16.63 -18.24 -15.35
N VAL B 133 -15.65 -18.54 -16.21
CA VAL B 133 -14.42 -17.73 -16.31
C VAL B 133 -14.52 -16.57 -17.30
N PHE B 134 -15.65 -16.49 -18.02
CA PHE B 134 -16.10 -15.28 -18.72
C PHE B 134 -17.58 -15.47 -19.05
N HIS B 135 -18.25 -14.42 -19.54
CA HIS B 135 -19.69 -14.51 -19.82
C HIS B 135 -19.99 -15.67 -20.79
N LYS B 136 -20.95 -16.53 -20.41
CA LYS B 136 -21.36 -17.73 -21.15
C LYS B 136 -20.25 -18.78 -21.36
N GLY B 137 -19.13 -18.61 -20.64
CA GLY B 137 -17.99 -19.46 -20.76
C GLY B 137 -18.16 -20.70 -19.91
N ARG B 138 -17.13 -21.55 -19.91
CA ARG B 138 -17.06 -22.80 -19.10
C ARG B 138 -16.93 -22.44 -17.61
N SER B 139 -17.47 -23.30 -16.73
CA SER B 139 -17.21 -23.27 -15.29
C SER B 139 -15.73 -23.44 -15.06
N ALA B 140 -15.23 -22.87 -13.97
CA ALA B 140 -13.83 -23.03 -13.61
C ALA B 140 -13.66 -24.46 -13.10
N LEU B 141 -12.52 -25.07 -13.43
CA LEU B 141 -12.12 -26.33 -12.86
C LEU B 141 -11.41 -26.04 -11.54
N VAL B 142 -10.53 -25.04 -11.55
CA VAL B 142 -9.77 -24.67 -10.36
C VAL B 142 -10.41 -23.41 -9.77
N LEU B 143 -10.57 -23.40 -8.44
CA LEU B 143 -11.10 -22.24 -7.72
C LEU B 143 -10.39 -20.98 -8.17
N GLN B 144 -11.17 -19.93 -8.46
CA GLN B 144 -10.66 -18.62 -8.83
C GLN B 144 -10.87 -17.64 -7.70
N TYR B 145 -10.00 -16.63 -7.61
CA TYR B 145 -10.22 -15.46 -6.73
C TYR B 145 -9.86 -14.18 -7.45
N LEU B 146 -10.42 -13.08 -6.91
CA LEU B 146 -10.30 -11.76 -7.46
C LEU B 146 -10.40 -10.78 -6.33
N ARG B 147 -9.56 -9.73 -6.38
CA ARG B 147 -9.69 -8.55 -5.50
C ARG B 147 -10.62 -7.53 -6.17
N VAL B 148 -11.69 -7.13 -5.48
CA VAL B 148 -12.60 -6.13 -6.00
C VAL B 148 -12.70 -4.95 -5.05
N PRO B 149 -12.55 -3.71 -5.57
CA PRO B 149 -12.74 -2.52 -4.74
C PRO B 149 -14.22 -2.20 -4.51
N LEU B 150 -14.52 -1.68 -3.32
CA LEU B 150 -15.85 -1.20 -3.00
C LEU B 150 -16.17 0.01 -3.88
N VAL B 151 -17.40 0.03 -4.41
CA VAL B 151 -17.90 1.11 -5.26
C VAL B 151 -18.87 1.97 -4.45
N ASP B 152 -18.77 3.30 -4.63
CA ASP B 152 -19.62 4.20 -3.85
C ASP B 152 -21.09 4.02 -4.27
N ARG B 153 -21.97 4.27 -3.29
CA ARG B 153 -23.44 4.11 -3.37
C ARG B 153 -23.99 4.81 -4.62
N ALA B 154 -23.63 6.07 -4.83
CA ALA B 154 -24.14 6.86 -5.95
C ALA B 154 -23.79 6.20 -7.27
N THR B 155 -22.51 5.80 -7.41
CA THR B 155 -22.03 5.11 -8.60
C THR B 155 -22.73 3.74 -8.76
N CYS B 156 -22.88 3.01 -7.66
CA CYS B 156 -23.57 1.72 -7.64
C CYS B 156 -25.01 1.87 -8.23
N LEU B 157 -25.80 2.79 -7.68
CA LEU B 157 -27.22 2.96 -8.06
C LEU B 157 -27.42 3.38 -9.52
N ARG B 158 -26.49 4.18 -10.04
CA ARG B 158 -26.53 4.71 -11.44
C ARG B 158 -26.37 3.57 -12.45
N SER B 159 -25.71 2.47 -12.08
CA SER B 159 -25.13 1.57 -13.08
C SER B 159 -25.51 0.11 -12.92
N THR B 160 -26.59 -0.16 -12.19
CA THR B 160 -26.89 -1.54 -11.80
C THR B 160 -28.37 -1.67 -11.48
N LYS B 161 -28.92 -2.87 -11.67
CA LYS B 161 -30.35 -3.16 -11.57
C LYS B 161 -30.70 -3.88 -10.26
N PHE B 162 -31.89 -3.59 -9.71
CA PHE B 162 -32.44 -4.20 -8.50
C PHE B 162 -31.75 -3.89 -7.15
N THR B 163 -30.87 -2.88 -7.10
CA THR B 163 -30.07 -2.62 -5.90
C THR B 163 -30.89 -1.92 -4.84
N ILE B 164 -30.80 -2.43 -3.61
CA ILE B 164 -31.51 -1.91 -2.44
C ILE B 164 -30.37 -1.62 -1.49
N TYR B 165 -29.87 -0.38 -1.45
CA TYR B 165 -28.52 -0.09 -0.88
C TYR B 165 -28.48 -0.40 0.63
N ASN B 166 -29.62 -0.35 1.33
CA ASN B 166 -29.61 -0.66 2.75
C ASN B 166 -28.96 -2.05 3.06
N ASN B 167 -29.22 -2.99 2.15
CA ASN B 167 -28.93 -4.41 2.34
C ASN B 167 -27.79 -4.91 1.48
N MET B 168 -27.34 -4.09 0.53
CA MET B 168 -26.46 -4.54 -0.55
C MET B 168 -25.37 -3.52 -0.82
N PHE B 169 -24.30 -3.96 -1.51
CA PHE B 169 -23.25 -3.05 -1.96
C PHE B 169 -22.77 -3.50 -3.32
N CYS B 170 -22.08 -2.61 -4.03
CA CYS B 170 -21.45 -2.91 -5.32
C CYS B 170 -19.95 -2.99 -5.15
N ALA B 171 -19.31 -3.82 -5.96
CA ALA B 171 -17.84 -3.89 -5.99
C ALA B 171 -17.37 -4.30 -7.36
N GLY B 172 -16.18 -3.83 -7.72
CA GLY B 172 -15.63 -4.02 -9.04
C GLY B 172 -14.89 -2.79 -9.50
N PHE B 173 -14.36 -2.86 -10.72
CA PHE B 173 -13.57 -1.78 -11.30
C PHE B 173 -14.39 -0.97 -12.29
N HIS B 174 -14.13 0.34 -12.31
CA HIS B 174 -14.86 1.28 -13.16
C HIS B 174 -14.73 0.87 -14.62
N GLU B 175 -13.58 0.32 -14.99
CA GLU B 175 -13.29 -0.11 -16.35
C GLU B 175 -13.84 -1.52 -16.68
N GLY B 176 -14.40 -2.22 -15.68
CA GLY B 176 -15.03 -3.52 -15.89
C GLY B 176 -14.05 -4.67 -16.10
N GLY B 177 -14.55 -5.78 -16.64
CA GLY B 177 -13.76 -6.94 -17.06
C GLY B 177 -13.53 -8.00 -15.97
N ARG B 178 -13.87 -7.65 -14.73
CA ARG B 178 -13.50 -8.40 -13.51
C ARG B 178 -14.71 -8.47 -12.58
N ASP B 179 -15.25 -9.66 -12.35
CA ASP B 179 -16.49 -9.78 -11.60
C ASP B 179 -16.70 -11.26 -11.24
N SER B 180 -17.65 -11.50 -10.33
CA SER B 180 -18.22 -12.84 -10.17
C SER B 180 -19.09 -13.15 -11.39
N CYS B 181 -19.37 -14.43 -11.61
CA CYS B 181 -20.18 -14.88 -12.74
C CYS B 181 -21.14 -15.95 -12.24
N GLN B 182 -22.00 -16.41 -13.14
CA GLN B 182 -22.90 -17.51 -12.85
C GLN B 182 -22.08 -18.73 -12.34
N GLY B 183 -22.48 -19.24 -11.18
CA GLY B 183 -21.82 -20.32 -10.50
C GLY B 183 -21.11 -19.86 -9.24
N ASP B 184 -20.79 -18.56 -9.17
CA ASP B 184 -20.17 -17.99 -7.97
C ASP B 184 -21.14 -17.55 -6.89
N ALA B 185 -22.41 -17.33 -7.25
CA ALA B 185 -23.37 -16.74 -6.29
C ALA B 185 -23.40 -17.58 -5.02
N GLY B 186 -23.51 -16.89 -3.89
CA GLY B 186 -23.55 -17.53 -2.60
C GLY B 186 -22.21 -17.64 -1.94
N GLY B 187 -21.14 -17.52 -2.73
CA GLY B 187 -19.81 -17.53 -2.21
C GLY B 187 -19.44 -16.28 -1.41
N PRO B 188 -18.19 -16.25 -0.89
CA PRO B 188 -17.74 -15.22 0.04
C PRO B 188 -17.20 -13.95 -0.64
N HIS B 189 -17.52 -12.80 -0.04
CA HIS B 189 -16.77 -11.56 -0.22
C HIS B 189 -16.14 -11.35 1.14
N VAL B 190 -14.80 -11.33 1.16
CA VAL B 190 -14.03 -11.37 2.39
C VAL B 190 -13.02 -10.22 2.44
N THR B 191 -12.84 -9.69 3.66
CA THR B 191 -11.88 -8.64 3.93
C THR B 191 -10.87 -9.16 4.93
N GLU B 192 -9.60 -9.05 4.57
CA GLU B 192 -8.48 -9.48 5.40
C GLU B 192 -7.93 -8.29 6.17
N VAL B 193 -7.83 -8.46 7.49
CA VAL B 193 -7.32 -7.47 8.39
C VAL B 193 -6.17 -8.11 9.16
N GLU B 194 -4.94 -7.68 8.86
CA GLU B 194 -3.73 -8.17 9.52
C GLU B 194 -3.74 -9.71 9.65
N GLY B 195 -3.87 -10.38 8.52
CA GLY B 195 -3.85 -11.84 8.46
C GLY B 195 -5.07 -12.64 8.87
N THR B 196 -6.15 -11.98 9.31
CA THR B 196 -7.40 -12.66 9.65
C THR B 196 -8.52 -12.19 8.73
N SER B 197 -9.22 -13.15 8.11
CA SER B 197 -10.24 -12.85 7.13
C SER B 197 -11.63 -12.86 7.74
N PHE B 198 -12.43 -11.85 7.39
CA PHE B 198 -13.77 -11.66 7.86
C PHE B 198 -14.75 -11.61 6.70
N LEU B 199 -15.93 -12.22 6.88
CA LEU B 199 -16.99 -12.22 5.88
C LEU B 199 -17.65 -10.86 5.85
N THR B 200 -17.50 -10.15 4.73
CA THR B 200 -18.08 -8.83 4.57
C THR B 200 -19.28 -8.80 3.59
N GLY B 201 -19.38 -9.80 2.71
CA GLY B 201 -20.49 -9.91 1.79
C GLY B 201 -20.77 -11.32 1.33
N ILE B 202 -21.99 -11.52 0.80
CA ILE B 202 -22.35 -12.72 0.04
C ILE B 202 -22.46 -12.33 -1.43
N ILE B 203 -21.79 -13.07 -2.31
CA ILE B 203 -21.90 -12.83 -3.75
C ILE B 203 -23.36 -13.05 -4.13
N SER B 204 -23.99 -12.03 -4.73
CA SER B 204 -25.40 -12.10 -5.08
C SER B 204 -25.59 -12.23 -6.60
N TRP B 205 -25.10 -11.24 -7.35
CA TRP B 205 -25.20 -11.21 -8.81
C TRP B 205 -24.05 -10.45 -9.45
N GLY B 206 -23.32 -11.11 -10.35
CA GLY B 206 -22.28 -10.49 -11.14
C GLY B 206 -22.89 -9.84 -12.37
N GLU B 207 -23.36 -8.60 -12.20
CA GLU B 207 -24.06 -7.88 -13.25
C GLU B 207 -23.15 -7.59 -14.44
N GLU B 208 -21.87 -7.37 -14.15
CA GLU B 208 -20.86 -7.05 -15.17
C GLU B 208 -20.67 -8.25 -16.04
N CYS B 209 -20.39 -9.39 -15.39
CA CYS B 209 -20.28 -10.66 -16.08
C CYS B 209 -21.56 -11.02 -16.85
N ALA B 210 -22.73 -10.79 -16.24
CA ALA B 210 -24.02 -11.04 -16.91
C ALA B 210 -24.43 -9.99 -17.98
N MET B 211 -23.60 -8.95 -18.17
CA MET B 211 -23.88 -7.85 -19.11
C MET B 211 -25.22 -7.14 -18.83
N LYS B 212 -25.51 -6.95 -17.55
CA LYS B 212 -26.73 -6.28 -17.10
C LYS B 212 -26.46 -5.01 -16.30
N GLY B 213 -25.17 -4.70 -16.10
CA GLY B 213 -24.71 -3.65 -15.21
C GLY B 213 -23.20 -3.60 -15.21
N LYS B 214 -22.64 -2.61 -14.51
CA LYS B 214 -21.21 -2.36 -14.60
C LYS B 214 -20.43 -3.02 -13.45
N TYR B 215 -21.11 -3.47 -12.38
CA TYR B 215 -20.47 -4.00 -11.15
C TYR B 215 -21.18 -5.24 -10.61
N GLY B 216 -20.47 -6.00 -9.76
CA GLY B 216 -21.09 -7.05 -8.98
C GLY B 216 -21.92 -6.46 -7.85
N ILE B 217 -23.03 -7.13 -7.51
CA ILE B 217 -23.80 -6.78 -6.33
C ILE B 217 -23.68 -7.90 -5.31
N TYR B 218 -23.64 -7.48 -4.05
CA TYR B 218 -23.31 -8.28 -2.86
C TYR B 218 -24.32 -7.98 -1.75
N THR B 219 -24.66 -9.00 -0.98
CA THR B 219 -25.47 -8.81 0.19
C THR B 219 -24.52 -8.35 1.27
N LYS B 220 -24.88 -7.27 1.95
CA LYS B 220 -24.13 -6.76 3.11
C LYS B 220 -24.30 -7.69 4.27
N VAL B 221 -23.24 -8.39 4.66
CA VAL B 221 -23.31 -9.33 5.75
C VAL B 221 -23.59 -8.62 7.08
N SER B 222 -23.15 -7.36 7.23
CA SER B 222 -23.31 -6.64 8.50
C SER B 222 -24.76 -6.65 9.03
N ARG B 223 -25.73 -6.57 8.12
CA ARG B 223 -27.18 -6.50 8.44
C ARG B 223 -27.70 -7.84 8.99
N TYR B 224 -26.95 -8.94 8.82
CA TYR B 224 -27.43 -10.33 9.04
C TYR B 224 -26.62 -11.06 10.11
N VAL B 225 -25.61 -10.42 10.70
CA VAL B 225 -24.73 -11.08 11.63
C VAL B 225 -25.44 -11.69 12.83
N ASN B 226 -26.36 -10.95 13.46
CA ASN B 226 -27.03 -11.49 14.65
C ASN B 226 -27.84 -12.75 14.33
N TRP B 227 -28.51 -12.71 13.17
CA TRP B 227 -29.29 -13.84 12.69
C TRP B 227 -28.37 -15.04 12.43
N ILE B 228 -27.23 -14.80 11.77
CA ILE B 228 -26.27 -15.88 11.53
C ILE B 228 -25.78 -16.49 12.84
N LYS B 229 -25.36 -15.63 13.78
CA LYS B 229 -24.82 -16.10 15.04
C LYS B 229 -25.87 -16.94 15.78
N GLU B 230 -27.11 -16.42 15.83
CA GLU B 230 -28.22 -17.05 16.55
C GLU B 230 -28.51 -18.45 15.97
N LYS B 231 -28.68 -18.53 14.64
CA LYS B 231 -29.11 -19.77 14.00
C LYS B 231 -28.03 -20.86 13.96
N THR B 232 -26.76 -20.47 13.89
CA THR B 232 -25.67 -21.42 13.67
C THR B 232 -24.94 -21.84 14.94
N LYS B 233 -25.29 -21.23 16.07
CA LYS B 233 -24.62 -21.48 17.34
C LYS B 233 -24.65 -22.97 17.66
N LEU B 234 -23.49 -23.53 18.04
CA LEU B 234 -23.38 -24.99 18.25
C LEU B 234 -23.62 -25.39 19.71
N THR B 235 -23.64 -24.40 20.59
CA THR B 235 -23.74 -24.62 22.03
C THR B 235 -25.09 -24.09 22.53
N ASP C 1 -9.27 -32.13 -19.38
CA ASP C 1 -10.26 -31.07 -19.77
C ASP C 1 -10.16 -30.57 -21.24
N GLY C 2 -9.12 -31.03 -21.96
CA GLY C 2 -8.90 -30.68 -23.35
C GLY C 2 -7.84 -29.60 -23.53
N ASP C 3 -7.34 -29.49 -24.77
CA ASP C 3 -6.27 -28.57 -25.10
C ASP C 3 -6.87 -27.26 -25.61
N GLN C 4 -6.86 -26.22 -24.75
CA GLN C 4 -7.32 -24.88 -25.12
C GLN C 4 -6.47 -24.20 -26.23
N CYS C 5 -5.24 -24.68 -26.48
CA CYS C 5 -4.38 -24.15 -27.54
C CYS C 5 -4.66 -24.68 -28.96
N GLU C 6 -5.55 -25.68 -29.05
CA GLU C 6 -5.94 -26.26 -30.35
C GLU C 6 -6.52 -25.25 -31.34
N SER C 7 -7.20 -24.21 -30.83
CA SER C 7 -7.82 -23.18 -31.69
C SER C 7 -6.88 -22.00 -32.03
N ASN C 8 -5.59 -22.14 -31.71
CA ASN C 8 -4.54 -21.13 -31.95
C ASN C 8 -4.95 -19.71 -31.56
N PRO C 9 -5.16 -19.46 -30.25
CA PRO C 9 -5.67 -18.18 -29.79
C PRO C 9 -4.63 -17.05 -29.70
N CYS C 10 -3.33 -17.33 -29.87
CA CYS C 10 -2.32 -16.30 -29.73
C CYS C 10 -1.97 -15.61 -31.05
N LEU C 11 -2.07 -14.29 -31.06
CA LEU C 11 -1.69 -13.48 -32.20
C LEU C 11 -0.20 -13.22 -32.19
N ASN C 12 0.30 -12.70 -33.31
CA ASN C 12 1.62 -12.14 -33.42
C ASN C 12 2.76 -13.10 -33.07
N GLY C 13 2.57 -14.38 -33.39
CA GLY C 13 3.58 -15.41 -33.14
C GLY C 13 3.76 -15.84 -31.68
N GLY C 14 2.79 -15.52 -30.82
CA GLY C 14 2.78 -15.94 -29.43
C GLY C 14 2.79 -17.45 -29.34
N SER C 15 3.40 -17.98 -28.27
CA SER C 15 3.50 -19.41 -28.05
C SER C 15 2.45 -19.78 -27.04
N CYS C 16 1.65 -20.79 -27.37
CA CYS C 16 0.49 -21.14 -26.57
C CYS C 16 0.85 -22.30 -25.64
N LYS C 17 0.57 -22.09 -24.35
CA LYS C 17 0.74 -23.10 -23.35
C LYS C 17 -0.61 -23.45 -22.76
N ASP C 18 -0.95 -24.73 -22.78
CA ASP C 18 -2.21 -25.23 -22.25
C ASP C 18 -2.11 -25.46 -20.74
N ASP C 19 -2.99 -24.82 -19.97
CA ASP C 19 -3.10 -25.01 -18.54
C ASP C 19 -4.40 -25.73 -18.27
N ILE C 20 -4.75 -25.92 -17.00
CA ILE C 20 -6.05 -26.45 -16.65
C ILE C 20 -7.11 -25.39 -16.95
N ASN C 21 -7.94 -25.69 -17.95
CA ASN C 21 -9.10 -24.89 -18.29
C ASN C 21 -8.78 -23.45 -18.73
N SER C 22 -7.55 -23.23 -19.21
CA SER C 22 -7.11 -21.94 -19.73
C SER C 22 -5.85 -22.15 -20.57
N TYR C 23 -5.40 -21.09 -21.23
CA TYR C 23 -4.11 -21.06 -21.96
C TYR C 23 -3.36 -19.80 -21.56
N GLU C 24 -2.03 -19.82 -21.74
CA GLU C 24 -1.18 -18.65 -21.66
C GLU C 24 -0.63 -18.44 -23.06
N CYS C 25 -0.45 -17.17 -23.43
CA CYS C 25 0.25 -16.81 -24.65
C CYS C 25 1.52 -16.15 -24.18
N TRP C 26 2.66 -16.76 -24.51
CA TRP C 26 3.94 -16.14 -24.24
C TRP C 26 4.33 -15.39 -25.49
N CYS C 27 4.40 -14.06 -25.38
CA CYS C 27 4.54 -13.22 -26.55
C CYS C 27 5.99 -13.05 -26.95
N PRO C 28 6.29 -12.98 -28.26
CA PRO C 28 7.61 -12.57 -28.69
C PRO C 28 7.85 -11.11 -28.29
N PHE C 29 9.12 -10.72 -28.34
CA PHE C 29 9.51 -9.37 -28.03
C PHE C 29 8.65 -8.37 -28.79
N GLY C 30 8.12 -7.37 -28.07
CA GLY C 30 7.37 -6.27 -28.65
C GLY C 30 5.86 -6.38 -28.54
N PHE C 31 5.36 -7.53 -28.06
CA PHE C 31 3.94 -7.77 -27.98
C PHE C 31 3.55 -8.17 -26.58
N GLU C 32 2.31 -7.85 -26.21
CA GLU C 32 1.79 -8.22 -24.91
C GLU C 32 0.28 -8.32 -24.94
N GLY C 33 -0.32 -8.53 -23.76
CA GLY C 33 -1.73 -8.82 -23.66
C GLY C 33 -1.95 -10.32 -23.59
N LYS C 34 -3.17 -10.72 -23.18
CA LYS C 34 -3.54 -12.12 -23.02
C LYS C 34 -3.42 -12.91 -24.31
N ASN C 35 -3.59 -12.23 -25.44
CA ASN C 35 -3.48 -12.87 -26.76
C ASN C 35 -2.34 -12.34 -27.63
N CYS C 36 -1.38 -11.64 -27.00
CA CYS C 36 -0.31 -10.95 -27.71
C CYS C 36 -0.85 -9.94 -28.73
N GLU C 37 -2.01 -9.35 -28.41
CA GLU C 37 -2.71 -8.46 -29.31
C GLU C 37 -2.19 -7.04 -29.28
N LEU C 38 -1.51 -6.67 -28.20
CA LEU C 38 -1.03 -5.30 -28.02
C LEU C 38 0.40 -5.15 -28.45
N ASP C 39 0.74 -3.99 -29.00
CA ASP C 39 2.13 -3.57 -29.12
C ASP C 39 2.58 -3.00 -27.79
N VAL C 40 3.77 -3.40 -27.34
CA VAL C 40 4.36 -2.82 -26.14
C VAL C 40 4.54 -1.34 -26.45
N THR C 41 4.16 -0.50 -25.49
CA THR C 41 4.16 0.95 -25.68
C THR C 41 4.44 1.62 -24.33
N CYS C 42 5.03 2.83 -24.37
CA CYS C 42 5.45 3.48 -23.11
C CYS C 42 4.32 3.79 -22.14
N ASN C 43 3.10 3.97 -22.66
CA ASN C 43 1.91 4.27 -21.85
C ASN C 43 1.19 3.08 -21.21
N ILE C 44 1.67 1.86 -21.46
CA ILE C 44 1.19 0.69 -20.79
C ILE C 44 2.37 0.11 -20.02
N LYS C 45 2.27 0.22 -18.69
CA LYS C 45 3.29 -0.27 -17.76
C LYS C 45 4.71 0.20 -18.16
N ASN C 46 4.84 1.47 -18.56
CA ASN C 46 6.12 2.09 -18.86
C ASN C 46 6.92 1.31 -19.93
N GLY C 47 6.20 0.65 -20.86
CA GLY C 47 6.83 -0.13 -21.91
C GLY C 47 7.64 -1.31 -21.39
N ARG C 48 7.33 -1.71 -20.14
CA ARG C 48 8.05 -2.74 -19.35
C ARG C 48 9.49 -2.30 -19.05
N CYS C 49 9.84 -1.04 -19.29
CA CYS C 49 11.16 -0.53 -18.94
C CYS C 49 11.27 -0.34 -17.42
N GLU C 50 12.38 -0.80 -16.83
CA GLU C 50 12.58 -0.68 -15.40
C GLU C 50 12.74 0.77 -14.98
N GLN C 51 13.44 1.57 -15.80
CA GLN C 51 13.58 2.99 -15.54
C GLN C 51 12.84 3.82 -16.57
N PHE C 52 13.47 4.10 -17.71
CA PHE C 52 12.95 5.07 -18.66
C PHE C 52 12.56 4.45 -20.01
N CYS C 53 11.43 4.92 -20.55
CA CYS C 53 10.88 4.47 -21.81
C CYS C 53 10.77 5.65 -22.75
N LYS C 54 11.14 5.43 -24.02
CA LYS C 54 10.85 6.37 -25.11
C LYS C 54 10.36 5.60 -26.32
N ASN C 55 9.55 6.26 -27.15
CA ASN C 55 9.21 5.77 -28.48
C ASN C 55 10.38 6.04 -29.44
N SER C 56 10.80 4.99 -30.15
CA SER C 56 11.87 5.06 -31.16
C SER C 56 11.29 4.97 -32.57
N ALA C 57 12.19 4.94 -33.56
CA ALA C 57 11.84 4.72 -34.95
C ALA C 57 11.02 3.43 -35.03
N ASP C 58 9.97 3.47 -35.86
CA ASP C 58 9.12 2.33 -36.18
C ASP C 58 8.10 2.04 -35.08
N ASN C 59 7.85 3.07 -34.26
CA ASN C 59 6.93 3.00 -33.12
C ASN C 59 7.21 1.79 -32.19
N LYS C 60 8.51 1.51 -31.97
CA LYS C 60 8.98 0.52 -31.02
C LYS C 60 9.52 1.25 -29.80
N VAL C 61 9.29 0.69 -28.61
CA VAL C 61 9.85 1.31 -27.43
C VAL C 61 11.37 1.11 -27.37
N VAL C 62 12.06 2.07 -26.74
CA VAL C 62 13.44 1.88 -26.31
C VAL C 62 13.55 2.24 -24.84
N CYS C 63 14.13 1.33 -24.07
CA CYS C 63 14.31 1.53 -22.65
C CYS C 63 15.70 2.08 -22.42
N SER C 64 15.84 2.87 -21.34
CA SER C 64 17.15 3.35 -20.94
C SER C 64 17.25 3.43 -19.42
N CYS C 65 18.46 3.77 -18.95
CA CYS C 65 18.80 3.74 -17.53
C CYS C 65 19.56 4.99 -17.19
N THR C 66 19.55 5.35 -15.90
CA THR C 66 20.31 6.49 -15.41
C THR C 66 21.80 6.11 -15.32
N GLU C 67 22.64 7.13 -15.12
CA GLU C 67 24.09 6.96 -14.97
C GLU C 67 24.39 5.90 -13.93
N GLY C 68 25.41 5.07 -14.20
CA GLY C 68 25.86 4.03 -13.31
C GLY C 68 25.11 2.70 -13.45
N TYR C 69 24.13 2.66 -14.36
CA TYR C 69 23.34 1.46 -14.73
C TYR C 69 23.53 1.18 -16.23
N ARG C 70 23.43 -0.07 -16.61
CA ARG C 70 23.49 -0.53 -18.02
C ARG C 70 22.17 -1.25 -18.33
N LEU C 71 21.61 -1.03 -19.52
CA LEU C 71 20.44 -1.79 -19.96
C LEU C 71 20.84 -3.25 -20.05
N ALA C 72 20.05 -4.13 -19.44
CA ALA C 72 20.31 -5.54 -19.39
C ALA C 72 20.11 -6.14 -20.78
N GLU C 73 20.52 -7.40 -20.92
CA GLU C 73 20.34 -8.15 -22.16
C GLU C 73 18.86 -8.25 -22.55
N ASN C 74 17.97 -8.32 -21.56
CA ASN C 74 16.52 -8.33 -21.84
C ASN C 74 15.94 -7.03 -22.47
N GLN C 75 16.78 -6.01 -22.57
CA GLN C 75 16.46 -4.69 -23.13
CA GLN C 75 16.41 -4.72 -23.17
C GLN C 75 15.41 -3.91 -22.32
N LYS C 76 15.13 -4.35 -21.09
CA LYS C 76 14.18 -3.71 -20.18
C LYS C 76 14.76 -3.30 -18.82
N SER C 77 15.55 -4.19 -18.20
CA SER C 77 16.07 -3.99 -16.85
C SER C 77 17.30 -3.10 -16.83
N CYS C 78 17.52 -2.46 -15.69
CA CYS C 78 18.66 -1.59 -15.47
C CYS C 78 19.47 -2.24 -14.35
N GLU C 79 20.71 -2.63 -14.69
CA GLU C 79 21.58 -3.34 -13.77
C GLU C 79 22.79 -2.45 -13.46
N PRO C 80 23.31 -2.47 -12.21
CA PRO C 80 24.48 -1.69 -11.85
C PRO C 80 25.68 -1.94 -12.78
N ALA C 81 26.30 -0.86 -13.24
CA ALA C 81 27.52 -0.90 -14.04
C ALA C 81 28.74 -0.39 -13.26
N VAL C 82 28.52 0.02 -12.00
CA VAL C 82 29.57 0.51 -11.13
C VAL C 82 29.36 -0.11 -9.75
N PRO C 83 30.40 -0.10 -8.88
CA PRO C 83 30.27 -0.66 -7.52
C PRO C 83 29.19 -0.03 -6.63
N PHE C 84 29.01 1.30 -6.72
CA PHE C 84 28.06 2.03 -5.85
C PHE C 84 27.11 2.87 -6.69
N PRO C 85 26.14 2.21 -7.36
CA PRO C 85 25.21 2.92 -8.22
C PRO C 85 24.31 3.85 -7.39
N CYS C 86 23.89 4.95 -8.00
CA CYS C 86 23.04 5.92 -7.36
C CYS C 86 21.76 5.29 -6.82
N GLY C 87 21.30 5.83 -5.70
CA GLY C 87 19.98 5.60 -5.20
C GLY C 87 19.69 4.27 -4.54
N ARG C 88 20.74 3.46 -4.31
CA ARG C 88 20.61 2.11 -3.69
C ARG C 88 21.30 2.15 -2.32
N VAL C 89 20.63 1.58 -1.32
CA VAL C 89 21.16 1.37 0.01
C VAL C 89 21.90 0.02 0.00
N SER C 90 23.08 -0.02 0.60
CA SER C 90 23.91 -1.24 0.53
C SER C 90 24.50 -1.77 1.83
N VAL C 91 24.15 -1.14 2.96
CA VAL C 91 24.57 -1.62 4.27
C VAL C 91 24.18 -3.08 4.51
N VAL D 1 14.29 18.19 11.21
CA VAL D 1 12.99 17.52 10.90
C VAL D 1 12.18 17.34 12.17
N VAL D 2 10.94 17.83 12.15
CA VAL D 2 10.00 17.61 13.26
C VAL D 2 9.04 16.51 12.86
N GLY D 3 8.79 15.57 13.79
CA GLY D 3 7.84 14.51 13.61
C GLY D 3 8.35 13.31 12.83
N GLY D 4 9.68 13.25 12.67
CA GLY D 4 10.33 12.15 11.97
C GLY D 4 10.93 11.15 12.96
N GLU D 5 11.95 10.43 12.52
CA GLU D 5 12.64 9.46 13.34
C GLU D 5 14.09 9.37 12.95
N ASP D 6 14.90 8.70 13.78
CA ASP D 6 16.33 8.50 13.52
C ASP D 6 16.55 7.64 12.29
N ALA D 7 17.39 8.12 11.38
CA ALA D 7 17.88 7.30 10.29
C ALA D 7 18.83 6.28 10.90
N LYS D 8 18.97 5.13 10.26
CA LYS D 8 19.98 4.15 10.61
C LYS D 8 21.23 4.50 9.80
N PRO D 9 22.45 4.12 10.25
CA PRO D 9 23.67 4.29 9.45
C PRO D 9 23.50 3.75 8.03
N GLY D 10 23.90 4.55 7.04
CA GLY D 10 23.84 4.15 5.65
C GLY D 10 22.47 4.15 4.99
N GLN D 11 21.44 4.59 5.72
CA GLN D 11 20.07 4.58 5.20
C GLN D 11 19.86 5.65 4.14
N PHE D 12 20.52 6.80 4.30
CA PHE D 12 20.44 7.92 3.35
C PHE D 12 21.86 8.33 2.93
N PRO D 13 22.56 7.45 2.19
CA PRO D 13 23.99 7.63 1.94
C PRO D 13 24.30 8.80 1.00
N TRP D 14 23.26 9.40 0.37
CA TRP D 14 23.40 10.59 -0.46
C TRP D 14 23.31 11.89 0.34
N GLN D 15 22.91 11.80 1.61
CA GLN D 15 22.74 12.97 2.45
C GLN D 15 24.11 13.53 2.85
N VAL D 16 24.26 14.85 2.74
CA VAL D 16 25.41 15.53 3.36
C VAL D 16 24.91 16.61 4.30
N VAL D 17 25.80 17.05 5.21
CA VAL D 17 25.56 18.17 6.07
C VAL D 17 26.52 19.29 5.64
N LEU D 18 26.04 20.54 5.72
CA LEU D 18 26.88 21.73 5.52
C LEU D 18 27.18 22.38 6.87
N ASN D 19 28.46 22.63 7.13
CA ASN D 19 28.94 23.23 8.38
C ASN D 19 29.64 24.55 8.05
N GLY D 20 29.40 25.59 8.87
CA GLY D 20 29.96 26.92 8.67
C GLY D 20 30.30 27.54 10.01
N LYS D 21 29.89 28.80 10.21
CA LYS D 21 30.02 29.49 11.50
C LYS D 21 29.35 28.62 12.56
N VAL D 22 28.19 28.05 12.21
CA VAL D 22 27.53 27.04 13.02
C VAL D 22 27.50 25.71 12.25
N ASP D 23 27.57 24.58 12.96
CA ASP D 23 27.42 23.27 12.34
C ASP D 23 25.99 23.02 11.89
N ALA D 24 25.84 22.25 10.82
CA ALA D 24 24.54 21.82 10.33
C ALA D 24 23.56 22.94 10.07
N PHE D 25 24.00 23.96 9.33
CA PHE D 25 23.15 25.09 8.98
C PHE D 25 22.27 24.78 7.78
N CYS D 26 22.66 23.77 7.01
CA CYS D 26 21.88 23.31 5.85
C CYS D 26 22.35 21.88 5.52
N GLY D 27 21.59 21.23 4.62
CA GLY D 27 21.93 19.95 4.07
C GLY D 27 22.22 20.05 2.58
N GLY D 28 22.41 18.89 1.97
CA GLY D 28 22.63 18.76 0.54
C GLY D 28 22.59 17.30 0.18
N SER D 29 22.71 17.01 -1.13
CA SER D 29 22.69 15.66 -1.66
C SER D 29 23.85 15.43 -2.59
N ILE D 30 24.37 14.21 -2.58
CA ILE D 30 25.50 13.84 -3.41
C ILE D 30 25.01 13.59 -4.82
N VAL D 31 25.50 14.40 -5.78
CA VAL D 31 25.24 14.19 -7.19
C VAL D 31 26.24 13.16 -7.73
N ASN D 32 27.52 13.35 -7.42
CA ASN D 32 28.56 12.39 -7.72
C ASN D 32 29.76 12.67 -6.80
N GLU D 33 30.88 12.01 -7.06
CA GLU D 33 32.08 12.10 -6.25
C GLU D 33 32.58 13.53 -6.00
N LYS D 34 32.28 14.45 -6.93
CA LYS D 34 32.79 15.83 -6.87
C LYS D 34 31.77 16.90 -6.63
N TRP D 35 30.47 16.52 -6.62
CA TRP D 35 29.42 17.53 -6.65
C TRP D 35 28.24 17.28 -5.71
N ILE D 36 27.81 18.36 -5.05
CA ILE D 36 26.67 18.38 -4.14
C ILE D 36 25.65 19.35 -4.69
N VAL D 37 24.36 18.99 -4.56
CA VAL D 37 23.27 19.90 -4.88
C VAL D 37 22.58 20.29 -3.57
N THR D 38 22.28 21.60 -3.44
CA THR D 38 21.73 22.17 -2.21
C THR D 38 20.82 23.32 -2.61
N ALA D 39 20.35 24.10 -1.63
CA ALA D 39 19.54 25.30 -1.88
C ALA D 39 20.45 26.51 -1.99
N ALA D 40 20.16 27.39 -2.96
CA ALA D 40 20.92 28.63 -3.16
C ALA D 40 21.00 29.52 -1.92
N HIS D 41 19.90 29.56 -1.14
CA HIS D 41 19.85 30.42 0.03
C HIS D 41 20.81 29.99 1.13
N CYS D 42 21.33 28.77 1.02
CA CYS D 42 22.29 28.23 1.97
C CYS D 42 23.73 28.67 1.71
N VAL D 43 24.02 29.12 0.49
CA VAL D 43 25.39 29.23 0.01
C VAL D 43 25.66 30.56 -0.72
N GLU D 44 25.23 31.67 -0.12
CA GLU D 44 25.47 33.02 -0.65
C GLU D 44 26.97 33.38 -0.60
N THR D 45 27.40 34.30 -1.49
CA THR D 45 28.82 34.65 -1.58
C THR D 45 29.32 35.14 -0.21
N GLY D 46 30.48 34.63 0.20
CA GLY D 46 31.10 35.01 1.46
C GLY D 46 30.90 34.07 2.63
N VAL D 47 30.13 33.00 2.44
CA VAL D 47 29.92 32.02 3.52
C VAL D 47 30.99 30.93 3.44
N LYS D 48 31.54 30.50 4.58
CA LYS D 48 32.45 29.37 4.53
C LYS D 48 31.68 28.09 4.77
N ILE D 49 31.97 27.07 3.95
CA ILE D 49 31.16 25.89 3.84
C ILE D 49 32.12 24.75 3.86
N THR D 50 31.90 23.83 4.79
CA THR D 50 32.50 22.51 4.78
C THR D 50 31.36 21.51 4.57
N VAL D 51 31.60 20.50 3.72
CA VAL D 51 30.63 19.45 3.44
C VAL D 51 31.10 18.22 4.14
N VAL D 52 30.19 17.54 4.86
CA VAL D 52 30.48 16.22 5.38
C VAL D 52 29.50 15.16 4.87
N ALA D 53 30.05 14.16 4.19
CA ALA D 53 29.33 12.96 3.73
C ALA D 53 29.57 11.85 4.71
N GLY D 54 28.74 10.80 4.65
CA GLY D 54 28.91 9.69 5.54
C GLY D 54 28.61 10.07 6.98
N GLU D 55 27.83 11.13 7.18
CA GLU D 55 27.51 11.62 8.53
C GLU D 55 26.26 10.93 9.07
N HIS D 56 26.24 10.69 10.38
CA HIS D 56 25.12 10.10 11.09
C HIS D 56 24.81 10.89 12.37
N ASN D 57 25.72 10.84 13.35
CA ASN D 57 25.63 11.63 14.58
C ASN D 57 26.66 12.75 14.51
N ILE D 58 26.19 14.00 14.49
CA ILE D 58 27.06 15.14 14.23
C ILE D 58 28.03 15.50 15.37
N GLU D 59 27.86 14.87 16.54
CA GLU D 59 28.74 15.13 17.68
C GLU D 59 29.58 13.92 18.11
N GLU D 60 29.52 12.84 17.33
CA GLU D 60 30.36 11.68 17.54
C GLU D 60 31.10 11.32 16.27
N THR D 61 32.18 10.55 16.41
CA THR D 61 33.02 10.12 15.28
C THR D 61 32.67 8.68 14.97
N GLU D 62 32.06 8.45 13.80
CA GLU D 62 31.62 7.14 13.36
C GLU D 62 32.65 6.45 12.46
N HIS D 63 33.64 7.23 12.01
CA HIS D 63 34.66 6.79 11.08
C HIS D 63 34.15 6.51 9.68
N THR D 64 32.91 6.95 9.39
CA THR D 64 32.35 6.90 8.05
C THR D 64 32.38 8.28 7.38
N GLU D 65 32.72 9.33 8.14
CA GLU D 65 32.62 10.68 7.67
C GLU D 65 33.71 10.98 6.65
N GLN D 66 33.35 11.71 5.60
CA GLN D 66 34.30 12.30 4.67
C GLN D 66 34.05 13.79 4.58
N LYS D 67 35.01 14.59 5.06
CA LYS D 67 34.88 16.04 5.10
C LYS D 67 35.61 16.61 3.89
N ARG D 68 35.00 17.59 3.25
CA ARG D 68 35.52 18.22 2.01
C ARG D 68 35.28 19.73 2.05
N ASN D 69 36.19 20.49 1.44
CA ASN D 69 36.00 21.89 1.20
C ASN D 69 35.28 22.06 -0.11
N VAL D 70 34.62 23.20 -0.23
CA VAL D 70 33.90 23.58 -1.41
C VAL D 70 34.76 24.59 -2.15
N ILE D 71 35.03 24.30 -3.43
CA ILE D 71 35.94 25.12 -4.24
C ILE D 71 35.25 25.89 -5.35
N ARG D 72 33.93 25.71 -5.48
CA ARG D 72 33.11 26.40 -6.52
C ARG D 72 31.65 26.33 -6.11
N ILE D 73 30.96 27.47 -6.17
CA ILE D 73 29.54 27.56 -5.86
C ILE D 73 28.84 28.12 -7.06
N ILE D 74 27.87 27.35 -7.57
CA ILE D 74 27.08 27.73 -8.72
C ILE D 74 25.63 27.84 -8.33
N PRO D 75 25.17 29.03 -7.88
CA PRO D 75 23.74 29.26 -7.68
C PRO D 75 23.08 29.26 -9.07
N HIS D 76 21.82 28.82 -9.16
CA HIS D 76 21.12 28.89 -10.43
C HIS D 76 21.12 30.37 -10.86
N HIS D 77 21.30 30.61 -12.15
CA HIS D 77 21.51 31.97 -12.65
C HIS D 77 20.27 32.88 -12.46
N ASN D 78 19.08 32.28 -12.34
CA ASN D 78 17.87 33.03 -12.01
C ASN D 78 17.68 33.35 -10.54
N TYR D 79 18.53 32.81 -9.66
CA TYR D 79 18.44 33.06 -8.20
C TYR D 79 18.79 34.52 -7.90
N ASN D 80 17.89 35.21 -7.18
CA ASN D 80 18.13 36.54 -6.65
C ASN D 80 17.38 36.68 -5.32
N ALA D 81 18.12 36.68 -4.21
CA ALA D 81 17.52 36.77 -2.87
C ALA D 81 16.78 38.10 -2.62
N ALA D 82 17.22 39.17 -3.30
CA ALA D 82 16.58 40.50 -3.22
C ALA D 82 15.11 40.51 -3.70
N ILE D 83 14.78 39.65 -4.68
CA ILE D 83 13.43 39.51 -5.25
C ILE D 83 12.59 38.45 -4.51
N ASN D 84 13.18 37.27 -4.25
CA ASN D 84 12.52 36.16 -3.58
C ASN D 84 13.57 35.18 -3.07
N LYS D 85 13.61 34.98 -1.75
CA LYS D 85 14.62 34.16 -1.09
C LYS D 85 14.56 32.69 -1.49
N TYR D 86 13.34 32.20 -1.83
CA TYR D 86 13.03 30.76 -2.04
C TYR D 86 12.69 30.44 -3.50
N ASN D 87 12.76 31.40 -4.43
CA ASN D 87 12.54 31.08 -5.83
C ASN D 87 13.87 30.78 -6.52
N HIS D 88 13.86 29.78 -7.41
CA HIS D 88 15.06 29.28 -8.07
C HIS D 88 16.11 28.90 -7.04
N ASP D 89 15.64 28.33 -5.92
CA ASP D 89 16.45 28.06 -4.76
C ASP D 89 17.21 26.76 -4.89
N ILE D 90 18.25 26.78 -5.74
CA ILE D 90 19.05 25.59 -6.00
C ILE D 90 20.46 26.02 -6.38
N ALA D 91 21.45 25.27 -5.92
CA ALA D 91 22.87 25.55 -6.17
C ALA D 91 23.67 24.27 -6.18
N LEU D 92 24.80 24.31 -6.89
CA LEU D 92 25.76 23.22 -6.94
C LEU D 92 27.07 23.62 -6.26
N LEU D 93 27.64 22.67 -5.52
CA LEU D 93 28.90 22.83 -4.84
C LEU D 93 29.89 21.81 -5.37
N GLU D 94 31.05 22.30 -5.81
CA GLU D 94 32.16 21.43 -6.22
C GLU D 94 33.08 21.19 -5.06
N LEU D 95 33.43 19.92 -4.83
CA LEU D 95 34.29 19.53 -3.74
C LEU D 95 35.78 19.58 -4.14
N ASP D 96 36.64 19.85 -3.15
CA ASP D 96 38.08 19.98 -3.38
C ASP D 96 38.72 18.68 -3.82
N GLU D 97 38.45 17.59 -3.08
CA GLU D 97 38.89 16.27 -3.45
C GLU D 97 37.64 15.40 -3.60
N PRO D 98 37.63 14.43 -4.53
CA PRO D 98 36.48 13.54 -4.68
C PRO D 98 36.19 12.75 -3.40
N LEU D 99 34.90 12.50 -3.15
CA LEU D 99 34.47 11.56 -2.15
C LEU D 99 34.88 10.17 -2.61
N VAL D 100 35.09 9.27 -1.65
CA VAL D 100 35.30 7.87 -1.94
C VAL D 100 33.96 7.18 -1.71
N LEU D 101 33.32 6.78 -2.81
CA LEU D 101 32.00 6.18 -2.74
C LEU D 101 32.08 4.84 -2.02
N ASN D 102 31.09 4.61 -1.15
CA ASN D 102 30.95 3.36 -0.42
C ASN D 102 29.50 3.28 0.08
N SER D 103 29.25 2.35 1.01
CA SER D 103 27.89 2.12 1.51
C SER D 103 27.33 3.27 2.29
N TYR D 104 28.22 4.16 2.76
CA TYR D 104 27.85 5.34 3.59
C TYR D 104 27.82 6.60 2.73
N VAL D 105 28.38 6.52 1.52
CA VAL D 105 28.62 7.69 0.68
C VAL D 105 28.28 7.27 -0.74
N THR D 106 27.04 7.57 -1.16
CA THR D 106 26.49 7.08 -2.42
C THR D 106 25.63 8.17 -3.04
N PRO D 107 25.75 8.44 -4.35
CA PRO D 107 24.96 9.48 -4.99
C PRO D 107 23.46 9.15 -5.01
N ILE D 108 22.62 10.18 -5.04
CA ILE D 108 21.19 10.05 -5.34
C ILE D 108 21.03 10.05 -6.86
N CYS D 109 20.09 9.25 -7.38
CA CYS D 109 19.79 9.29 -8.81
C CYS D 109 19.02 10.53 -9.17
N ILE D 110 19.27 11.06 -10.36
CA ILE D 110 18.51 12.19 -10.88
C ILE D 110 18.03 11.80 -12.26
N ALA D 111 16.72 11.65 -12.39
CA ALA D 111 16.07 11.26 -13.63
C ALA D 111 15.93 12.49 -14.52
N ASP D 112 15.51 12.30 -15.78
CA ASP D 112 15.22 13.43 -16.64
C ASP D 112 14.00 14.21 -16.12
N LYS D 113 13.66 15.31 -16.79
CA LYS D 113 12.58 16.19 -16.35
C LYS D 113 11.24 15.45 -16.26
N GLU D 114 10.92 14.70 -17.32
CA GLU D 114 9.64 13.99 -17.41
C GLU D 114 9.47 13.00 -16.25
N TYR D 115 10.48 12.16 -16.03
CA TYR D 115 10.43 11.10 -14.99
C TYR D 115 10.55 11.68 -13.58
N THR D 116 11.33 12.74 -13.39
CA THR D 116 11.38 13.38 -12.09
C THR D 116 10.00 13.83 -11.67
N ASN D 117 9.27 14.43 -12.60
CA ASN D 117 7.92 14.88 -12.36
C ASN D 117 6.94 13.72 -12.13
N ILE D 118 7.06 12.66 -12.93
CA ILE D 118 6.23 11.46 -12.72
C ILE D 118 6.44 10.94 -11.28
N PHE D 119 7.71 10.80 -10.89
CA PHE D 119 8.06 10.34 -9.55
C PHE D 119 7.52 11.24 -8.44
N LEU D 120 7.66 12.56 -8.60
CA LEU D 120 7.06 13.49 -7.63
C LEU D 120 5.57 13.23 -7.45
N LYS D 121 4.87 13.04 -8.58
CA LYS D 121 3.42 12.88 -8.60
C LYS D 121 2.94 11.52 -8.03
N PHE D 122 3.87 10.58 -7.79
CA PHE D 122 3.56 9.37 -7.06
C PHE D 122 3.03 9.70 -5.67
N GLY D 123 3.48 10.83 -5.11
CA GLY D 123 2.78 11.50 -4.03
C GLY D 123 3.29 11.31 -2.62
N SER D 124 4.42 10.63 -2.46
CA SER D 124 5.06 10.49 -1.17
C SER D 124 6.59 10.49 -1.30
N GLY D 125 7.25 11.41 -0.60
CA GLY D 125 8.69 11.51 -0.63
C GLY D 125 9.30 11.42 0.76
N TYR D 126 10.60 11.13 0.81
CA TYR D 126 11.40 11.14 2.06
C TYR D 126 12.17 12.46 2.14
N VAL D 127 12.09 13.11 3.29
CA VAL D 127 12.92 14.24 3.59
C VAL D 127 13.77 13.90 4.79
N SER D 128 14.98 14.46 4.82
CA SER D 128 15.97 14.09 5.81
C SER D 128 16.89 15.27 6.11
N GLY D 129 17.44 15.27 7.33
CA GLY D 129 18.40 16.28 7.76
C GLY D 129 18.61 16.36 9.26
N TRP D 130 19.54 17.26 9.64
CA TRP D 130 19.95 17.53 11.01
C TRP D 130 19.35 18.84 11.52
N GLY D 131 18.26 19.26 10.89
CA GLY D 131 17.54 20.45 11.29
C GLY D 131 16.99 20.30 12.69
N ARG D 132 16.41 21.38 13.21
CA ARG D 132 15.74 21.43 14.53
C ARG D 132 14.71 20.30 14.61
N VAL D 133 14.56 19.68 15.79
CA VAL D 133 13.61 18.58 15.98
C VAL D 133 12.21 19.05 16.42
N PHE D 134 12.08 20.36 16.67
CA PHE D 134 10.78 21.04 16.73
C PHE D 134 11.03 22.54 16.60
N HIS D 135 9.97 23.33 16.47
CA HIS D 135 10.11 24.79 16.31
C HIS D 135 10.93 25.39 17.46
N LYS D 136 11.96 26.16 17.10
CA LYS D 136 12.89 26.82 18.04
C LYS D 136 13.73 25.86 18.90
N GLY D 137 13.65 24.55 18.57
CA GLY D 137 14.29 23.50 19.35
C GLY D 137 15.72 23.33 18.94
N ARG D 138 16.38 22.36 19.58
CA ARG D 138 17.81 22.00 19.34
C ARG D 138 17.94 21.34 17.96
N SER D 139 19.09 21.51 17.31
CA SER D 139 19.50 20.74 16.13
C SER D 139 19.54 19.27 16.49
N ALA D 140 19.26 18.41 15.50
CA ALA D 140 19.34 16.98 15.69
C ALA D 140 20.80 16.60 15.81
N LEU D 141 21.09 15.64 16.70
CA LEU D 141 22.41 15.02 16.76
C LEU D 141 22.45 13.91 15.71
N VAL D 142 21.39 13.09 15.67
CA VAL D 142 21.31 12.00 14.72
C VAL D 142 20.40 12.40 13.56
N LEU D 143 20.84 12.09 12.32
CA LEU D 143 20.07 12.32 11.12
C LEU D 143 18.64 11.84 11.28
N GLN D 144 17.67 12.69 10.92
CA GLN D 144 16.25 12.38 10.95
C GLN D 144 15.74 12.21 9.56
N TYR D 145 14.68 11.41 9.39
CA TYR D 145 13.91 11.33 8.13
C TYR D 145 12.41 11.30 8.43
N LEU D 146 11.64 11.63 7.40
CA LEU D 146 10.21 11.76 7.47
C LEU D 146 9.64 11.50 6.10
N ARG D 147 8.52 10.80 6.05
CA ARG D 147 7.70 10.64 4.81
C ARG D 147 6.67 11.77 4.76
N VAL D 148 6.67 12.55 3.68
CA VAL D 148 5.69 13.61 3.50
C VAL D 148 4.91 13.42 2.21
N PRO D 149 3.56 13.48 2.28
CA PRO D 149 2.74 13.42 1.08
C PRO D 149 2.72 14.74 0.30
N LEU D 150 2.68 14.63 -1.03
CA LEU D 150 2.54 15.78 -1.91
C LEU D 150 1.19 16.44 -1.65
N VAL D 151 1.19 17.78 -1.58
CA VAL D 151 -0.02 18.59 -1.37
C VAL D 151 -0.39 19.25 -2.69
N ASP D 152 -1.68 19.26 -3.03
CA ASP D 152 -2.07 19.85 -4.32
C ASP D 152 -1.79 21.36 -4.32
N ARG D 153 -1.51 21.88 -5.51
CA ARG D 153 -1.06 23.27 -5.76
C ARG D 153 -2.09 24.26 -5.18
N ALA D 154 -3.38 24.05 -5.42
CA ALA D 154 -4.42 24.95 -4.92
C ALA D 154 -4.39 25.01 -3.40
N THR D 155 -4.29 23.85 -2.76
CA THR D 155 -4.20 23.75 -1.29
C THR D 155 -2.91 24.41 -0.78
N CYS D 156 -1.81 24.17 -1.49
CA CYS D 156 -0.50 24.76 -1.18
CA CYS D 156 -0.50 24.80 -1.22
C CYS D 156 -0.62 26.31 -1.14
N LEU D 157 -1.12 26.92 -2.22
CA LEU D 157 -1.24 28.38 -2.35
C LEU D 157 -2.15 29.04 -1.33
N ARG D 158 -3.19 28.33 -0.89
CA ARG D 158 -4.17 28.82 0.12
C ARG D 158 -3.50 29.01 1.49
N SER D 159 -2.42 28.27 1.79
CA SER D 159 -1.98 28.09 3.15
C SER D 159 -0.50 28.44 3.43
N THR D 160 0.11 29.16 2.49
CA THR D 160 1.54 29.46 2.46
C THR D 160 1.72 30.85 1.81
N LYS D 161 2.89 31.49 2.01
CA LYS D 161 3.07 32.93 1.75
C LYS D 161 3.49 33.42 0.35
N PHE D 162 4.34 32.66 -0.35
CA PHE D 162 4.81 33.05 -1.70
C PHE D 162 5.32 31.88 -2.56
N THR D 163 4.45 30.90 -2.80
CA THR D 163 4.77 29.77 -3.68
C THR D 163 4.69 30.21 -5.14
N ILE D 164 5.70 29.81 -5.94
CA ILE D 164 5.90 30.28 -7.30
C ILE D 164 5.71 29.23 -8.41
N TYR D 165 5.20 29.75 -9.53
CA TYR D 165 4.48 29.04 -10.61
C TYR D 165 5.40 27.96 -11.19
N ASN D 166 5.06 26.70 -10.89
CA ASN D 166 5.72 25.55 -11.46
C ASN D 166 7.20 25.41 -11.13
N ASN D 167 7.72 26.17 -10.16
CA ASN D 167 9.12 26.01 -9.69
C ASN D 167 9.23 25.21 -8.39
N MET D 168 8.11 25.15 -7.66
CA MET D 168 8.11 24.70 -6.28
C MET D 168 6.89 23.84 -6.03
N PHE D 169 6.92 23.04 -4.94
CA PHE D 169 5.77 22.27 -4.51
C PHE D 169 5.69 22.28 -3.01
N CYS D 170 4.53 21.93 -2.46
CA CYS D 170 4.33 21.80 -1.02
CA CYS D 170 4.44 21.79 -1.03
C CYS D 170 4.17 20.33 -0.66
N ALA D 171 4.60 19.96 0.54
CA ALA D 171 4.41 18.61 1.04
C ALA D 171 4.29 18.63 2.56
N GLY D 172 3.55 17.65 3.09
CA GLY D 172 3.24 17.59 4.50
C GLY D 172 1.82 17.11 4.69
N PHE D 173 1.40 17.05 5.96
CA PHE D 173 0.11 16.53 6.34
C PHE D 173 -0.86 17.66 6.67
N HIS D 174 -2.13 17.45 6.30
CA HIS D 174 -3.18 18.44 6.49
C HIS D 174 -3.30 18.82 7.97
N GLU D 175 -3.05 17.85 8.86
CA GLU D 175 -3.10 18.09 10.31
C GLU D 175 -1.81 18.70 10.90
N GLY D 176 -0.77 18.86 10.07
CA GLY D 176 0.48 19.47 10.51
C GLY D 176 1.34 18.58 11.39
N GLY D 177 2.31 19.20 12.09
CA GLY D 177 3.16 18.55 13.10
C GLY D 177 4.44 17.93 12.58
N ARG D 178 4.55 17.82 11.24
CA ARG D 178 5.60 17.03 10.55
C ARG D 178 6.14 17.85 9.38
N ASP D 179 7.42 18.21 9.40
CA ASP D 179 7.98 19.10 8.39
C ASP D 179 9.49 19.11 8.52
N SER D 180 10.16 19.68 7.51
CA SER D 180 11.54 20.08 7.64
C SER D 180 11.60 21.34 8.54
N CYS D 181 12.77 21.64 9.08
CA CYS D 181 12.96 22.80 9.96
C CYS D 181 14.25 23.48 9.59
N GLN D 182 14.51 24.62 10.23
CA GLN D 182 15.78 25.30 10.09
C GLN D 182 16.95 24.31 10.35
N GLY D 183 17.87 24.25 9.37
CA GLY D 183 19.01 23.36 9.37
C GLY D 183 18.86 22.26 8.33
N ASP D 184 17.61 21.95 7.94
CA ASP D 184 17.35 20.97 6.88
C ASP D 184 17.40 21.50 5.47
N ALA D 185 17.29 22.82 5.28
CA ALA D 185 17.20 23.39 3.94
C ALA D 185 18.39 22.94 3.13
N GLY D 186 18.14 22.70 1.84
CA GLY D 186 19.15 22.25 0.91
C GLY D 186 19.26 20.74 0.82
N GLY D 187 18.72 20.05 1.81
CA GLY D 187 18.71 18.61 1.81
C GLY D 187 17.72 18.01 0.81
N PRO D 188 17.66 16.67 0.74
CA PRO D 188 16.92 15.95 -0.28
C PRO D 188 15.43 15.75 0.03
N HIS D 189 14.59 15.87 -0.99
CA HIS D 189 13.26 15.28 -1.04
C HIS D 189 13.41 14.21 -2.09
N VAL D 190 13.18 12.96 -1.69
CA VAL D 190 13.48 11.79 -2.50
C VAL D 190 12.25 10.87 -2.63
N THR D 191 12.11 10.31 -3.84
CA THR D 191 11.06 9.36 -4.15
C THR D 191 11.72 8.04 -4.51
N GLU D 192 11.31 6.97 -3.82
CA GLU D 192 11.82 5.63 -4.06
C GLU D 192 10.86 4.88 -4.99
N VAL D 193 11.43 4.31 -6.06
CA VAL D 193 10.70 3.54 -7.03
C VAL D 193 11.37 2.17 -7.10
N GLU D 194 10.69 1.16 -6.58
CA GLU D 194 11.18 -0.24 -6.61
C GLU D 194 12.64 -0.33 -6.19
N GLY D 195 12.93 0.16 -4.98
CA GLY D 195 14.25 0.09 -4.40
C GLY D 195 15.34 1.07 -4.88
N THR D 196 15.04 1.94 -5.86
CA THR D 196 15.97 2.96 -6.32
C THR D 196 15.42 4.35 -6.04
N SER D 197 16.21 5.18 -5.39
CA SER D 197 15.79 6.50 -4.94
C SER D 197 16.22 7.59 -5.91
N PHE D 198 15.28 8.51 -6.20
CA PHE D 198 15.45 9.58 -7.13
C PHE D 198 15.18 10.91 -6.45
N LEU D 199 16.00 11.91 -6.76
CA LEU D 199 15.85 13.25 -6.23
C LEU D 199 14.69 13.94 -6.90
N THR D 200 13.65 14.23 -6.11
CA THR D 200 12.46 14.91 -6.61
C THR D 200 12.30 16.36 -6.15
N GLY D 201 12.99 16.73 -5.07
CA GLY D 201 12.95 18.08 -4.59
C GLY D 201 14.17 18.46 -3.77
N ILE D 202 14.38 19.77 -3.64
CA ILE D 202 15.32 20.35 -2.67
C ILE D 202 14.50 21.00 -1.57
N ILE D 203 14.81 20.66 -0.32
CA ILE D 203 14.13 21.26 0.82
C ILE D 203 14.45 22.76 0.78
N SER D 204 13.41 23.60 0.75
CA SER D 204 13.60 25.05 0.64
C SER D 204 13.29 25.75 1.97
N TRP D 205 12.05 25.60 2.44
CA TRP D 205 11.58 26.23 3.68
C TRP D 205 10.47 25.40 4.35
N GLY D 206 10.69 25.02 5.62
CA GLY D 206 9.69 24.35 6.42
C GLY D 206 8.78 25.38 7.08
N GLU D 207 7.74 25.78 6.35
CA GLU D 207 6.83 26.83 6.80
C GLU D 207 6.06 26.41 8.05
N GLU D 208 5.74 25.11 8.12
CA GLU D 208 4.97 24.54 9.22
C GLU D 208 5.82 24.60 10.48
N CYS D 209 7.05 24.07 10.37
CA CYS D 209 8.00 24.15 11.45
C CYS D 209 8.32 25.59 11.87
N ALA D 210 8.47 26.49 10.89
CA ALA D 210 8.68 27.93 11.16
C ALA D 210 7.43 28.71 11.63
N MET D 211 6.26 28.05 11.68
CA MET D 211 4.97 28.68 12.02
C MET D 211 4.63 29.88 11.12
N LYS D 212 4.91 29.70 9.81
CA LYS D 212 4.61 30.71 8.80
C LYS D 212 3.61 30.23 7.75
N GLY D 213 3.18 28.98 7.87
CA GLY D 213 2.37 28.30 6.87
C GLY D 213 2.07 26.88 7.33
N LYS D 214 1.21 26.19 6.59
CA LYS D 214 0.78 24.87 6.99
C LYS D 214 1.64 23.70 6.47
N TYR D 215 2.50 23.94 5.47
CA TYR D 215 3.28 22.89 4.78
C TYR D 215 4.72 23.31 4.49
N GLY D 216 5.60 22.34 4.25
CA GLY D 216 6.93 22.60 3.73
C GLY D 216 6.90 22.98 2.27
N ILE D 217 7.81 23.86 1.85
CA ILE D 217 7.96 24.18 0.45
C ILE D 217 9.32 23.67 -0.04
N TYR D 218 9.31 23.22 -1.29
CA TYR D 218 10.39 22.45 -1.96
C TYR D 218 10.61 23.01 -3.38
N THR D 219 11.86 23.01 -3.82
CA THR D 219 12.17 23.34 -5.18
C THR D 219 11.95 22.09 -5.98
N LYS D 220 11.21 22.22 -7.08
CA LYS D 220 11.03 21.11 -8.03
C LYS D 220 12.30 20.83 -8.78
N VAL D 221 12.91 19.66 -8.55
CA VAL D 221 14.14 19.31 -9.20
C VAL D 221 13.95 19.14 -10.72
N SER D 222 12.74 18.74 -11.15
CA SER D 222 12.47 18.46 -12.55
C SER D 222 12.89 19.61 -13.50
N ARG D 223 12.71 20.85 -13.04
CA ARG D 223 12.94 22.09 -13.82
C ARG D 223 14.45 22.33 -14.02
N TYR D 224 15.31 21.64 -13.27
CA TYR D 224 16.75 21.96 -13.15
C TYR D 224 17.63 20.78 -13.56
N VAL D 225 17.04 19.67 -14.02
CA VAL D 225 17.82 18.47 -14.29
C VAL D 225 18.91 18.67 -15.34
N ASN D 226 18.59 19.32 -16.46
CA ASN D 226 19.59 19.50 -17.52
C ASN D 226 20.77 20.34 -17.05
N TRP D 227 20.48 21.38 -16.27
CA TRP D 227 21.51 22.23 -15.70
C TRP D 227 22.40 21.42 -14.76
N ILE D 228 21.79 20.60 -13.89
CA ILE D 228 22.55 19.76 -12.97
C ILE D 228 23.46 18.80 -13.75
N LYS D 229 22.89 18.10 -14.74
CA LYS D 229 23.62 17.13 -15.50
C LYS D 229 24.83 17.77 -16.20
N GLU D 230 24.59 18.93 -16.82
CA GLU D 230 25.59 19.65 -17.59
C GLU D 230 26.75 20.09 -16.67
N LYS D 231 26.43 20.73 -15.55
CA LYS D 231 27.45 21.30 -14.66
C LYS D 231 28.28 20.26 -13.91
N THR D 232 27.68 19.11 -13.58
CA THR D 232 28.28 18.13 -12.70
C THR D 232 29.00 16.98 -13.41
N LYS D 233 28.84 16.90 -14.73
CA LYS D 233 29.42 15.83 -15.53
C LYS D 233 30.95 15.80 -15.29
N LEU D 234 31.50 14.60 -15.06
CA LEU D 234 32.90 14.45 -14.59
C LEU D 234 33.94 14.37 -15.72
N THR D 235 33.46 14.12 -16.93
CA THR D 235 34.23 14.22 -18.15
C THR D 235 33.67 15.35 -19.01
C1 FUC E . 8.36 2.13 33.99
C2 FUC E . 7.63 1.82 35.26
C3 FUC E . 6.16 2.20 35.12
C4 FUC E . 5.56 1.46 33.95
C5 FUC E . 6.36 1.75 32.68
C6 FUC E . 5.86 0.94 31.49
O2 FUC E . 8.23 2.62 36.26
O3 FUC E . 5.44 1.86 36.31
O4 FUC E . 5.53 0.07 34.27
O5 FUC E . 7.74 1.45 32.91
CA CA F . 20.42 11.71 25.84
CA CA G . -10.97 -31.89 -6.23
C1 FUC H . 7.25 -19.54 -28.20
C2 FUC H . 8.07 -19.30 -29.44
C3 FUC H . 7.89 -17.88 -29.93
C4 FUC H . 8.30 -16.95 -28.82
C5 FUC H . 7.53 -17.27 -27.54
C6 FUC H . 8.05 -16.40 -26.41
O2 FUC H . 7.55 -20.19 -30.40
O3 FUC H . 8.68 -17.63 -31.09
O4 FUC H . 9.70 -17.09 -28.65
O5 FUC H . 7.65 -18.65 -27.18
CA CA I . -6.06 -27.75 -20.69
CA CA J . 29.63 11.68 13.18
#